data_2H4C
#
_entry.id   2H4C
#
_cell.length_a   66.977
_cell.length_b   66.977
_cell.length_c   240.273
_cell.angle_alpha   90.00
_cell.angle_beta   90.00
_cell.angle_gamma   120.00
#
_symmetry.space_group_name_H-M   'P 32'
#
loop_
_entity.id
_entity.type
_entity.pdbx_description
1 polymer 'Phospholipase A2-III'
2 polymer 'Phospholipase A2-II'
3 water water
#
loop_
_entity_poly.entity_id
_entity_poly.type
_entity_poly.pdbx_seq_one_letter_code
_entity_poly.pdbx_strand_id
1 'polypeptide(L)'
;NFFQFAEMIVKMTGKEAVHSYAIYGCYCGWGGQGKPQDATDRCCFVHDCCYGTVNDCNPKMATYSYSFENGDIVCGDNNL
CLKTVCECDRAAAICLGQNVNTYDKNYENYAISHCTEESEQC
;
A,C,E,G
2 'polypeptide(L)'
;NLFQFARLIDAKQEAFSFFKYISYGCYCGWGGQGTPKDATDRCCFVHDCCYARVKGCNPKLVEYSYSYRTGKIVCGGDDP
CLRAVCECDRVAAICFRENMNTYDKKYMLYSIFDCKEESDQC
;
B,D,F,H
#
# COMPACT_ATOMS: atom_id res chain seq x y z
N ASN A 1 -87.05 15.94 10.30
CA ASN A 1 -88.22 15.11 9.91
C ASN A 1 -88.75 14.34 11.10
N PHE A 2 -89.92 13.72 10.94
CA PHE A 2 -90.55 12.98 12.02
C PHE A 2 -89.73 11.79 12.46
N PHE A 3 -89.14 11.08 11.50
CA PHE A 3 -88.31 9.93 11.85
C PHE A 3 -87.44 10.42 12.99
N GLN A 4 -86.74 11.51 12.71
CA GLN A 4 -85.83 12.13 13.65
C GLN A 4 -86.50 12.65 14.90
N PHE A 5 -87.68 13.25 14.74
CA PHE A 5 -88.43 13.80 15.87
C PHE A 5 -89.01 12.73 16.78
N ALA A 6 -89.47 11.61 16.23
CA ALA A 6 -90.02 10.53 17.04
C ALA A 6 -88.96 9.93 17.96
N GLU A 7 -87.80 9.63 17.38
CA GLU A 7 -86.69 9.07 18.14
C GLU A 7 -86.26 9.98 19.28
N MET A 8 -86.63 11.26 19.20
CA MET A 8 -86.26 12.25 20.21
C MET A 8 -87.21 12.27 21.39
N ILE A 9 -88.49 12.07 21.09
CA ILE A 9 -89.49 12.03 22.14
C ILE A 9 -89.28 10.68 22.80
N VAL A 10 -89.08 9.67 21.96
CA VAL A 10 -88.87 8.28 22.37
C VAL A 10 -87.54 8.12 23.10
N LYS A 11 -86.91 9.24 23.42
CA LYS A 11 -85.64 9.25 24.13
C LYS A 11 -85.71 10.28 25.24
N MET A 12 -86.93 10.46 25.75
CA MET A 12 -87.19 11.39 26.84
C MET A 12 -88.41 10.81 27.58
N THR A 13 -89.18 10.01 26.84
CA THR A 13 -90.37 9.35 27.36
C THR A 13 -90.36 7.87 26.94
N GLY A 14 -89.75 7.02 27.74
CA GLY A 14 -89.74 5.59 27.45
C GLY A 14 -89.24 5.22 26.05
N LYS A 15 -90.00 4.41 25.32
CA LYS A 15 -89.51 3.99 24.01
C LYS A 15 -90.50 3.85 22.85
N GLU A 16 -91.34 4.87 22.66
CA GLU A 16 -92.29 4.92 21.53
C GLU A 16 -93.39 5.96 21.67
N ALA A 17 -93.00 7.23 21.49
CA ALA A 17 -93.93 8.36 21.55
C ALA A 17 -94.87 8.20 20.37
N VAL A 18 -94.39 7.51 19.36
CA VAL A 18 -95.20 7.26 18.18
C VAL A 18 -96.37 6.35 18.62
N HIS A 19 -97.54 6.98 18.79
CA HIS A 19 -98.78 6.33 19.21
C HIS A 19 -99.57 7.26 20.11
N SER A 20 -99.14 7.33 21.37
CA SER A 20 -99.78 8.22 22.32
C SER A 20 -99.97 9.56 21.62
N TYR A 21 -98.91 10.03 20.97
CA TYR A 21 -98.89 11.32 20.28
C TYR A 21 -99.24 11.34 18.79
N ALA A 22 -99.41 10.17 18.17
CA ALA A 22 -99.75 10.09 16.74
C ALA A 22 -101.12 10.71 16.50
N ILE A 23 -101.90 10.80 17.58
CA ILE A 23 -103.23 11.41 17.55
C ILE A 23 -103.71 11.67 18.98
N TYR A 24 -103.38 12.85 19.49
CA TYR A 24 -103.75 13.22 20.84
C TYR A 24 -104.39 14.60 20.81
N GLY A 25 -104.91 15.03 21.96
CA GLY A 25 -105.55 16.32 22.07
C GLY A 25 -106.09 16.79 20.73
N CYS A 26 -105.81 18.05 20.40
CA CYS A 26 -106.26 18.64 19.14
C CYS A 26 -105.10 18.92 18.19
N TYR A 27 -103.88 18.93 18.72
CA TYR A 27 -102.70 19.24 17.90
C TYR A 27 -101.56 18.24 17.93
N CYS A 28 -101.80 17.01 18.39
CA CYS A 28 -100.72 16.04 18.48
C CYS A 28 -100.46 15.19 17.26
N GLY A 29 -101.52 14.70 16.66
CA GLY A 29 -101.30 13.88 15.49
C GLY A 29 -102.03 14.34 14.26
N TRP A 30 -102.87 13.47 13.73
CA TRP A 30 -103.62 13.80 12.55
C TRP A 30 -104.76 14.72 12.91
N GLY A 31 -104.41 15.97 13.20
CA GLY A 31 -105.40 16.96 13.53
C GLY A 31 -104.91 18.37 13.27
N GLY A 32 -104.87 19.15 14.33
CA GLY A 32 -104.43 20.53 14.25
C GLY A 32 -105.57 21.48 14.02
N GLN A 33 -106.55 21.47 14.92
CA GLN A 33 -107.72 22.33 14.84
C GLN A 33 -108.34 22.47 16.23
N GLY A 34 -108.54 23.70 16.68
CA GLY A 34 -109.11 23.93 18.01
C GLY A 34 -108.14 24.53 19.03
N LYS A 35 -108.35 24.24 20.30
CA LYS A 35 -107.48 24.74 21.35
C LYS A 35 -106.90 23.60 22.19
N PRO A 36 -105.59 23.66 22.44
CA PRO A 36 -104.80 22.69 23.22
C PRO A 36 -105.56 22.11 24.40
N GLN A 37 -105.68 20.79 24.46
CA GLN A 37 -106.41 20.16 25.54
C GLN A 37 -105.68 20.01 26.87
N ASP A 38 -104.37 20.23 26.86
CA ASP A 38 -103.56 20.10 28.09
C ASP A 38 -102.07 20.19 27.75
N ALA A 39 -101.22 20.02 28.76
CA ALA A 39 -99.76 20.07 28.61
C ALA A 39 -99.30 19.49 27.29
N THR A 40 -99.36 18.17 27.17
CA THR A 40 -98.99 17.46 25.95
C THR A 40 -99.50 18.24 24.74
N ASP A 41 -100.72 18.77 24.86
CA ASP A 41 -101.34 19.51 23.77
C ASP A 41 -100.76 20.89 23.51
N ARG A 42 -100.63 21.70 24.56
CA ARG A 42 -100.07 23.03 24.38
C ARG A 42 -98.70 22.81 23.72
N CYS A 43 -98.13 21.62 23.93
CA CYS A 43 -96.84 21.23 23.37
C CYS A 43 -96.99 20.92 21.89
N CYS A 44 -97.77 19.89 21.60
CA CYS A 44 -98.01 19.52 20.22
C CYS A 44 -98.41 20.76 19.43
N PHE A 45 -99.15 21.66 20.07
CA PHE A 45 -99.55 22.92 19.42
C PHE A 45 -98.33 23.79 19.15
N VAL A 46 -97.63 24.17 20.22
CA VAL A 46 -96.43 25.01 20.13
C VAL A 46 -95.37 24.44 19.19
N HIS A 47 -95.42 23.13 18.96
CA HIS A 47 -94.46 22.49 18.07
C HIS A 47 -94.66 22.91 16.62
N ASP A 48 -95.90 22.80 16.14
CA ASP A 48 -96.20 23.14 14.77
C ASP A 48 -96.04 24.61 14.38
N CYS A 49 -96.10 25.51 15.36
CA CYS A 49 -95.87 26.93 15.07
C CYS A 49 -94.38 26.98 14.84
N CYS A 50 -93.64 26.54 15.87
CA CYS A 50 -92.19 26.47 15.84
C CYS A 50 -91.77 25.97 14.46
N TYR A 51 -92.45 24.93 13.99
CA TYR A 51 -92.17 24.37 12.68
C TYR A 51 -92.59 25.40 11.65
N GLY A 52 -93.81 25.89 11.79
CA GLY A 52 -94.35 26.86 10.86
C GLY A 52 -93.42 28.02 10.55
N THR A 53 -92.99 28.73 11.60
CA THR A 53 -92.10 29.89 11.43
C THR A 53 -90.79 29.65 10.68
N VAL A 54 -90.24 28.45 10.75
CA VAL A 54 -89.02 28.14 9.99
C VAL A 54 -89.46 28.29 8.55
N ASN A 55 -89.02 29.36 7.88
CA ASN A 55 -89.42 29.61 6.50
C ASN A 55 -88.27 29.37 5.54
N ASP A 56 -87.09 29.30 6.10
CA ASP A 56 -85.86 29.09 5.34
C ASP A 56 -85.73 27.68 4.77
N CYS A 57 -86.03 26.68 5.58
CA CYS A 57 -85.93 25.28 5.15
C CYS A 57 -87.29 24.58 5.25
N ASN A 58 -87.30 23.25 5.11
CA ASN A 58 -88.53 22.45 5.20
C ASN A 58 -88.50 21.54 6.44
N PRO A 59 -89.04 22.02 7.58
CA PRO A 59 -89.09 21.28 8.86
C PRO A 59 -89.44 19.80 8.76
N LYS A 60 -90.37 19.49 7.86
CA LYS A 60 -90.86 18.12 7.66
C LYS A 60 -89.86 17.27 6.88
N MET A 61 -88.96 17.93 6.16
CA MET A 61 -87.94 17.27 5.35
C MET A 61 -86.53 17.35 5.92
N ALA A 62 -86.20 18.47 6.55
CA ALA A 62 -84.88 18.67 7.13
C ALA A 62 -84.37 17.48 7.94
N THR A 63 -83.16 17.05 7.62
CA THR A 63 -82.49 15.97 8.30
C THR A 63 -81.32 16.66 8.99
N TYR A 64 -81.47 16.87 10.29
CA TYR A 64 -80.46 17.55 11.09
C TYR A 64 -79.59 16.55 11.85
N SER A 65 -78.56 17.07 12.51
CA SER A 65 -77.65 16.24 13.28
C SER A 65 -77.92 16.50 14.76
N TYR A 66 -78.00 15.44 15.54
CA TYR A 66 -78.22 15.57 16.98
C TYR A 66 -77.58 14.39 17.72
N SER A 67 -77.50 14.50 19.04
CA SER A 67 -76.93 13.44 19.86
C SER A 67 -77.50 13.49 21.28
N PHE A 68 -77.76 12.30 21.83
CA PHE A 68 -78.29 12.16 23.18
C PHE A 68 -77.07 11.75 23.99
N GLU A 69 -76.40 12.75 24.56
CA GLU A 69 -75.17 12.54 25.31
C GLU A 69 -75.20 13.09 26.73
N ASN A 70 -75.27 12.20 27.71
CA ASN A 70 -75.29 12.56 29.13
C ASN A 70 -76.71 12.61 29.72
N GLY A 71 -77.71 12.45 28.85
CA GLY A 71 -79.10 12.52 29.27
C GLY A 71 -79.67 13.84 28.82
N ASP A 72 -78.86 14.52 28.00
CA ASP A 72 -79.15 15.83 27.43
C ASP A 72 -79.13 15.66 25.91
N ILE A 73 -80.09 16.26 25.21
CA ILE A 73 -80.13 16.16 23.75
C ILE A 73 -79.49 17.42 23.16
N VAL A 74 -78.47 17.24 22.32
CA VAL A 74 -77.79 18.38 21.74
C VAL A 74 -77.93 18.37 20.22
N CYS A 75 -77.99 19.56 19.63
CA CYS A 75 -78.11 19.70 18.17
C CYS A 75 -76.73 20.03 17.58
N GLY A 76 -76.40 19.42 16.45
CA GLY A 76 -75.10 19.65 15.83
C GLY A 76 -75.01 20.28 14.44
N ASP A 77 -76.12 20.79 13.90
CA ASP A 77 -76.05 21.42 12.59
C ASP A 77 -75.77 22.89 12.78
N ASN A 78 -74.93 23.45 11.92
CA ASN A 78 -74.61 24.87 12.00
C ASN A 78 -75.67 25.63 11.18
N ASN A 79 -76.03 25.08 10.03
CA ASN A 79 -77.04 25.72 9.20
C ASN A 79 -78.12 26.27 10.13
N LEU A 80 -78.10 27.57 10.33
CA LEU A 80 -79.03 28.23 11.23
C LEU A 80 -80.49 27.75 11.17
N CYS A 81 -80.91 27.16 10.06
CA CYS A 81 -82.29 26.66 9.94
C CYS A 81 -82.34 25.22 10.47
N LEU A 82 -81.38 24.41 10.05
CA LEU A 82 -81.32 23.02 10.49
C LEU A 82 -81.12 22.93 12.00
N LYS A 83 -80.50 23.96 12.57
CA LYS A 83 -80.26 24.04 14.01
C LYS A 83 -81.55 24.38 14.73
N THR A 84 -82.55 24.80 13.96
CA THR A 84 -83.84 25.19 14.49
C THR A 84 -84.84 24.06 14.48
N VAL A 85 -84.96 23.41 13.34
CA VAL A 85 -85.88 22.29 13.23
C VAL A 85 -85.55 21.37 14.40
N CYS A 86 -84.26 21.21 14.69
CA CYS A 86 -83.83 20.36 15.77
C CYS A 86 -84.25 20.96 17.11
N GLU A 87 -83.92 22.23 17.33
CA GLU A 87 -84.27 22.87 18.58
C GLU A 87 -85.78 22.74 18.85
N CYS A 88 -86.59 22.85 17.81
CA CYS A 88 -88.04 22.72 17.98
C CYS A 88 -88.37 21.30 18.44
N ASP A 89 -87.93 20.29 17.69
CA ASP A 89 -88.17 18.90 18.04
C ASP A 89 -87.57 18.63 19.42
N ARG A 90 -86.35 19.11 19.62
CA ARG A 90 -85.66 18.93 20.88
C ARG A 90 -86.55 19.37 22.02
N ALA A 91 -86.81 20.68 22.10
CA ALA A 91 -87.67 21.19 23.13
C ALA A 91 -88.94 20.33 23.20
N ALA A 92 -89.54 20.08 22.04
CA ALA A 92 -90.76 19.27 21.97
C ALA A 92 -90.69 18.00 22.81
N ALA A 93 -89.63 17.22 22.63
CA ALA A 93 -89.41 15.95 23.34
C ALA A 93 -89.12 16.14 24.84
N ILE A 94 -88.89 17.39 25.25
CA ILE A 94 -88.65 17.72 26.66
C ILE A 94 -90.02 18.17 27.18
N CYS A 95 -90.81 18.72 26.28
CA CYS A 95 -92.15 19.20 26.61
C CYS A 95 -93.00 17.97 26.91
N LEU A 96 -92.91 16.99 26.02
CA LEU A 96 -93.66 15.76 26.14
C LEU A 96 -93.15 14.88 27.28
N GLY A 97 -91.96 15.19 27.78
CA GLY A 97 -91.40 14.41 28.87
C GLY A 97 -91.92 14.85 30.22
N GLN A 98 -91.62 16.08 30.58
CA GLN A 98 -92.04 16.61 31.87
C GLN A 98 -93.55 16.75 32.07
N ASN A 99 -94.34 16.29 31.10
CA ASN A 99 -95.79 16.39 31.23
C ASN A 99 -96.49 15.06 30.98
N VAL A 100 -95.70 13.99 30.83
CA VAL A 100 -96.21 12.64 30.59
C VAL A 100 -97.25 12.17 31.59
N ASN A 101 -97.33 12.87 32.72
CA ASN A 101 -98.26 12.54 33.78
C ASN A 101 -99.62 13.23 33.64
N THR A 102 -99.68 14.22 32.76
CA THR A 102 -100.91 14.94 32.49
C THR A 102 -101.64 14.17 31.40
N TYR A 103 -100.89 13.30 30.72
CA TYR A 103 -101.45 12.52 29.63
C TYR A 103 -102.75 11.89 30.06
N ASP A 104 -103.79 12.18 29.27
CA ASP A 104 -105.12 11.66 29.50
C ASP A 104 -105.39 10.61 28.43
N LYS A 105 -105.34 9.33 28.80
CA LYS A 105 -105.56 8.26 27.83
C LYS A 105 -106.95 8.37 27.20
N ASN A 106 -107.63 9.46 27.53
CA ASN A 106 -108.97 9.69 27.02
C ASN A 106 -108.97 10.72 25.88
N TYR A 107 -107.79 11.20 25.48
CA TYR A 107 -107.69 12.18 24.41
C TYR A 107 -106.99 11.74 23.13
N GLU A 108 -106.49 10.51 23.09
CA GLU A 108 -105.80 10.01 21.90
C GLU A 108 -106.77 9.49 20.82
N ASN A 109 -106.31 9.40 19.59
CA ASN A 109 -107.17 8.97 18.49
C ASN A 109 -108.45 9.83 18.55
N TYR A 110 -108.22 11.14 18.46
CA TYR A 110 -109.28 12.14 18.54
C TYR A 110 -110.11 12.34 17.27
N ALA A 111 -111.34 12.82 17.45
CA ALA A 111 -112.24 13.04 16.33
C ALA A 111 -111.97 14.36 15.63
N ILE A 112 -112.57 15.43 16.16
CA ILE A 112 -112.45 16.79 15.63
C ILE A 112 -113.75 17.48 15.98
N SER A 113 -114.72 16.69 16.42
CA SER A 113 -116.00 17.21 16.84
C SER A 113 -115.62 17.96 18.11
N HIS A 114 -114.58 17.46 18.76
CA HIS A 114 -114.05 18.04 20.00
C HIS A 114 -113.01 19.08 19.67
N CYS A 115 -112.85 19.43 18.40
CA CYS A 115 -111.85 20.41 18.05
C CYS A 115 -112.29 21.29 16.89
N THR A 116 -113.48 21.01 16.37
CA THR A 116 -114.04 21.75 15.24
C THR A 116 -114.01 23.25 15.55
N GLU A 117 -113.56 23.55 16.76
CA GLU A 117 -113.46 24.91 17.24
C GLU A 117 -112.37 25.68 16.50
N GLU A 118 -112.00 26.81 17.08
CA GLU A 118 -110.98 27.70 16.53
C GLU A 118 -109.57 27.13 16.61
N SER A 119 -108.85 27.15 15.49
CA SER A 119 -107.47 26.69 15.49
C SER A 119 -106.67 27.93 15.88
N GLU A 120 -106.53 28.13 17.18
CA GLU A 120 -105.80 29.27 17.74
C GLU A 120 -104.65 29.66 16.84
N GLN A 121 -104.44 30.96 16.68
CA GLN A 121 -103.36 31.44 15.85
C GLN A 121 -102.09 31.37 16.69
N CYS A 122 -100.95 31.50 16.02
CA CYS A 122 -99.66 31.42 16.70
C CYS A 122 -98.56 32.27 16.07
N ASN B 1 -105.74 21.60 7.63
CA ASN B 1 -105.13 20.77 8.67
C ASN B 1 -105.33 19.27 8.42
N LEU B 2 -104.56 18.47 9.14
CA LEU B 2 -104.61 17.02 8.97
C LEU B 2 -105.94 16.35 9.32
N PHE B 3 -106.82 17.04 10.03
CA PHE B 3 -108.12 16.44 10.34
C PHE B 3 -108.75 16.27 8.96
N GLN B 4 -108.84 17.39 8.25
CA GLN B 4 -109.43 17.41 6.93
C GLN B 4 -108.70 16.44 6.01
N PHE B 5 -107.39 16.27 6.20
CA PHE B 5 -106.66 15.35 5.33
C PHE B 5 -107.09 13.92 5.58
N ALA B 6 -107.42 13.61 6.82
CA ALA B 6 -107.88 12.27 7.17
C ALA B 6 -109.21 12.11 6.44
N ARG B 7 -110.03 13.16 6.49
CA ARG B 7 -111.34 13.19 5.87
C ARG B 7 -111.35 13.02 4.34
N LEU B 8 -110.56 13.81 3.64
CA LEU B 8 -110.51 13.75 2.20
C LEU B 8 -109.94 12.43 1.68
N ILE B 9 -108.96 11.86 2.38
CA ILE B 9 -108.38 10.57 1.96
C ILE B 9 -109.46 9.49 1.87
N ASP B 10 -110.33 9.48 2.89
CA ASP B 10 -111.43 8.52 3.02
C ASP B 10 -112.48 8.55 1.93
N ALA B 11 -112.75 9.73 1.36
CA ALA B 11 -113.76 9.91 0.33
C ALA B 11 -113.74 8.91 -0.86
N LYS B 12 -112.56 8.62 -1.42
CA LYS B 12 -112.48 7.65 -2.52
C LYS B 12 -112.35 6.23 -1.97
N GLN B 13 -111.66 6.15 -0.83
CA GLN B 13 -111.46 4.89 -0.15
C GLN B 13 -112.54 4.73 0.93
N GLU B 14 -112.27 3.98 2.00
CA GLU B 14 -113.30 3.76 3.01
C GLU B 14 -113.07 4.64 4.25
N ALA B 15 -114.08 4.74 5.13
CA ALA B 15 -113.96 5.56 6.34
C ALA B 15 -112.87 5.05 7.28
N PHE B 16 -112.00 5.96 7.71
CA PHE B 16 -110.88 5.62 8.58
C PHE B 16 -109.76 4.96 7.77
N SER B 17 -109.89 5.03 6.45
CA SER B 17 -108.88 4.46 5.58
C SER B 17 -107.71 5.43 5.60
N PHE B 18 -107.13 5.66 6.77
CA PHE B 18 -105.97 6.57 6.83
C PHE B 18 -104.97 6.15 7.90
N PHE B 19 -105.39 5.26 8.79
CA PHE B 19 -104.51 4.75 9.84
C PHE B 19 -103.29 4.11 9.21
N LYS B 20 -103.41 3.71 7.95
CA LYS B 20 -102.30 3.07 7.28
C LYS B 20 -101.29 4.02 6.67
N TYR B 21 -101.35 5.29 7.05
CA TYR B 21 -100.41 6.28 6.56
C TYR B 21 -99.85 7.06 7.74
N ILE B 22 -100.25 6.66 8.94
CA ILE B 22 -99.80 7.31 10.16
C ILE B 22 -98.30 7.12 10.24
N SER B 23 -97.86 6.01 9.66
CA SER B 23 -96.45 5.64 9.60
C SER B 23 -96.34 4.54 8.53
N TYR B 24 -96.13 4.97 7.29
CA TYR B 24 -96.01 4.05 6.17
C TYR B 24 -94.90 4.42 5.18
N GLY B 25 -93.86 3.58 5.20
CA GLY B 25 -92.74 3.76 4.31
C GLY B 25 -91.75 4.80 4.78
N CYS B 26 -91.30 5.61 3.82
CA CYS B 26 -90.35 6.67 4.07
C CYS B 26 -90.99 8.03 4.24
N TYR B 27 -92.20 8.21 3.70
CA TYR B 27 -92.85 9.51 3.80
C TYR B 27 -94.24 9.58 4.45
N CYS B 28 -95.08 8.57 4.28
CA CYS B 28 -96.42 8.58 4.86
C CYS B 28 -96.39 8.73 6.37
N GLY B 29 -96.66 9.94 6.83
CA GLY B 29 -96.68 10.21 8.26
C GLY B 29 -95.27 10.27 8.82
N TRP B 30 -95.07 9.80 10.04
CA TRP B 30 -93.73 9.84 10.63
C TRP B 30 -92.75 9.28 9.62
N GLY B 31 -91.87 10.15 9.13
CA GLY B 31 -90.87 9.75 8.15
C GLY B 31 -90.24 10.96 7.49
N GLY B 32 -89.95 10.85 6.20
CA GLY B 32 -89.39 11.97 5.47
C GLY B 32 -88.00 11.77 4.91
N GLN B 33 -87.71 10.56 4.42
CA GLN B 33 -86.38 10.32 3.86
C GLN B 33 -86.19 9.03 3.05
N GLY B 34 -85.00 8.93 2.46
CA GLY B 34 -84.58 7.77 1.70
C GLY B 34 -85.30 7.40 0.42
N THR B 35 -85.95 8.38 -0.21
CA THR B 35 -86.69 8.15 -1.45
C THR B 35 -87.81 7.13 -1.23
N PRO B 36 -88.94 7.29 -1.93
CA PRO B 36 -90.09 6.40 -1.83
C PRO B 36 -89.80 4.91 -1.83
N LYS B 37 -90.86 4.13 -1.65
CA LYS B 37 -90.77 2.68 -1.62
C LYS B 37 -91.80 2.17 -2.62
N ASP B 38 -92.65 3.09 -3.08
CA ASP B 38 -93.68 2.79 -4.06
C ASP B 38 -94.62 3.97 -4.27
N ALA B 39 -95.51 3.83 -5.26
CA ALA B 39 -96.48 4.86 -5.60
C ALA B 39 -97.08 5.50 -4.37
N THR B 40 -97.70 4.68 -3.53
CA THR B 40 -98.32 5.16 -2.30
C THR B 40 -97.39 6.17 -1.61
N ASP B 41 -96.20 5.70 -1.24
CA ASP B 41 -95.22 6.53 -0.55
C ASP B 41 -95.00 7.89 -1.24
N ARG B 42 -94.81 7.89 -2.54
CA ARG B 42 -94.60 9.14 -3.27
C ARG B 42 -95.71 10.15 -3.05
N CYS B 43 -96.95 9.69 -3.05
CA CYS B 43 -98.07 10.60 -2.84
C CYS B 43 -97.80 11.28 -1.52
N CYS B 44 -97.23 10.53 -0.59
CA CYS B 44 -96.89 11.06 0.72
C CYS B 44 -95.70 12.01 0.58
N PHE B 45 -94.95 11.88 -0.51
CA PHE B 45 -93.80 12.76 -0.75
C PHE B 45 -94.32 14.00 -1.47
N VAL B 46 -94.97 13.77 -2.61
CA VAL B 46 -95.53 14.84 -3.44
C VAL B 46 -96.43 15.70 -2.58
N HIS B 47 -97.11 15.07 -1.63
CA HIS B 47 -97.98 15.80 -0.72
C HIS B 47 -97.11 16.65 0.19
N ASP B 48 -96.03 16.07 0.72
CA ASP B 48 -95.13 16.84 1.59
C ASP B 48 -94.65 18.00 0.76
N CYS B 49 -93.96 17.65 -0.32
CA CYS B 49 -93.39 18.62 -1.25
C CYS B 49 -94.40 19.59 -1.84
N CYS B 50 -95.65 19.46 -1.43
CA CYS B 50 -96.70 20.33 -1.91
C CYS B 50 -96.89 21.51 -0.97
N TYR B 51 -96.93 21.22 0.33
CA TYR B 51 -97.11 22.27 1.34
C TYR B 51 -96.00 23.29 1.28
N ALA B 52 -94.81 22.85 0.90
CA ALA B 52 -93.65 23.72 0.78
C ALA B 52 -93.86 24.79 -0.30
N ARG B 53 -94.81 24.58 -1.20
CA ARG B 53 -95.08 25.55 -2.26
C ARG B 53 -96.05 26.59 -1.73
N VAL B 54 -96.72 26.24 -0.64
CA VAL B 54 -97.67 27.14 -0.01
C VAL B 54 -96.97 28.45 0.37
N LYS B 55 -97.25 29.49 -0.41
CA LYS B 55 -96.68 30.80 -0.15
C LYS B 55 -97.59 31.49 0.86
N GLY B 56 -97.03 31.84 2.01
CA GLY B 56 -97.82 32.48 3.03
C GLY B 56 -98.19 31.56 4.19
N CYS B 57 -99.48 31.32 4.34
CA CYS B 57 -100.00 30.49 5.43
C CYS B 57 -99.43 29.08 5.59
N ASN B 58 -99.63 28.52 6.78
CA ASN B 58 -99.17 27.17 7.13
C ASN B 58 -100.24 26.13 6.80
N PRO B 59 -99.83 24.95 6.31
CA PRO B 59 -100.76 23.88 5.96
C PRO B 59 -101.37 23.01 7.06
N LYS B 60 -100.65 22.79 8.15
CA LYS B 60 -101.16 21.92 9.21
C LYS B 60 -102.19 22.53 10.16
N LEU B 61 -102.15 23.84 10.36
CA LEU B 61 -103.09 24.48 11.27
C LEU B 61 -104.22 25.19 10.54
N VAL B 62 -104.17 25.20 9.22
CA VAL B 62 -105.17 25.89 8.44
C VAL B 62 -106.37 25.07 7.97
N GLU B 63 -107.54 25.47 8.45
CA GLU B 63 -108.80 24.83 8.11
C GLU B 63 -109.30 25.53 6.85
N TYR B 64 -109.64 24.73 5.85
CA TYR B 64 -110.14 25.27 4.61
C TYR B 64 -111.62 24.89 4.45
N SER B 65 -112.30 25.46 3.45
CA SER B 65 -113.70 25.14 3.25
C SER B 65 -113.79 24.20 2.04
N TYR B 66 -114.43 23.05 2.20
CA TYR B 66 -114.53 22.12 1.09
C TYR B 66 -115.76 21.22 1.16
N SER B 67 -116.19 20.74 -0.01
CA SER B 67 -117.37 19.87 -0.11
C SER B 67 -117.16 18.69 -1.05
N TYR B 68 -117.59 17.51 -0.61
CA TYR B 68 -117.45 16.34 -1.43
C TYR B 68 -118.74 16.10 -2.18
N ARG B 69 -118.78 16.54 -3.43
CA ARG B 69 -119.96 16.36 -4.28
C ARG B 69 -119.76 15.20 -5.25
N THR B 70 -120.80 14.36 -5.38
CA THR B 70 -120.79 13.20 -6.26
C THR B 70 -119.42 12.65 -6.61
N GLY B 71 -118.61 12.43 -5.58
CA GLY B 71 -117.28 11.87 -5.81
C GLY B 71 -116.27 12.81 -6.42
N LYS B 72 -116.22 14.04 -5.91
CA LYS B 72 -115.27 15.03 -6.41
C LYS B 72 -114.99 16.07 -5.31
N ILE B 73 -113.79 16.03 -4.76
CA ILE B 73 -113.45 16.98 -3.72
C ILE B 73 -113.37 18.33 -4.41
N VAL B 74 -114.39 19.15 -4.26
CA VAL B 74 -114.35 20.47 -4.84
C VAL B 74 -113.85 21.41 -3.76
N CYS B 75 -112.76 22.12 -4.05
CA CYS B 75 -112.20 23.08 -3.11
C CYS B 75 -112.86 24.42 -3.44
N GLY B 76 -113.91 24.75 -2.70
CA GLY B 76 -114.61 26.01 -2.92
C GLY B 76 -114.18 26.95 -1.82
N GLY B 77 -113.18 27.78 -2.08
CA GLY B 77 -112.69 28.73 -1.09
C GLY B 77 -112.03 29.92 -1.77
N ASP B 78 -112.34 31.13 -1.31
CA ASP B 78 -111.78 32.35 -1.92
C ASP B 78 -110.39 32.83 -1.40
N ASP B 79 -109.52 31.91 -0.99
CA ASP B 79 -108.20 32.30 -0.52
C ASP B 79 -107.17 31.37 -1.13
N PRO B 80 -106.36 31.89 -2.08
CA PRO B 80 -105.34 31.05 -2.73
C PRO B 80 -104.51 30.19 -1.77
N CYS B 81 -104.08 30.76 -0.63
CA CYS B 81 -103.26 29.98 0.30
C CYS B 81 -104.06 28.77 0.76
N LEU B 82 -105.22 29.02 1.37
CA LEU B 82 -106.08 27.97 1.88
C LEU B 82 -106.48 26.98 0.77
N ARG B 83 -106.99 27.50 -0.35
CA ARG B 83 -107.40 26.66 -1.48
C ARG B 83 -106.29 25.69 -1.84
N ALA B 84 -105.08 26.23 -1.99
CA ALA B 84 -103.90 25.45 -2.33
C ALA B 84 -103.87 24.19 -1.49
N VAL B 85 -103.69 24.36 -0.18
CA VAL B 85 -103.65 23.26 0.75
C VAL B 85 -104.70 22.19 0.42
N CYS B 86 -105.96 22.60 0.36
CA CYS B 86 -107.05 21.69 0.02
C CYS B 86 -106.64 20.82 -1.15
N GLU B 87 -106.07 21.47 -2.17
CA GLU B 87 -105.64 20.80 -3.39
C GLU B 87 -104.50 19.80 -3.19
N CYS B 88 -103.75 19.95 -2.10
CA CYS B 88 -102.67 19.02 -1.78
C CYS B 88 -103.31 17.78 -1.19
N ASP B 89 -104.51 17.95 -0.63
CA ASP B 89 -105.22 16.83 -0.03
C ASP B 89 -106.09 16.18 -1.10
N ARG B 90 -106.57 16.98 -2.05
CA ARG B 90 -107.41 16.44 -3.12
C ARG B 90 -106.59 15.54 -4.04
N VAL B 91 -105.49 16.07 -4.55
CA VAL B 91 -104.63 15.34 -5.46
C VAL B 91 -104.09 14.06 -4.83
N ALA B 92 -103.69 14.17 -3.57
CA ALA B 92 -103.13 13.04 -2.82
C ALA B 92 -104.18 12.00 -2.51
N ALA B 93 -105.29 12.43 -1.92
CA ALA B 93 -106.38 11.54 -1.56
C ALA B 93 -106.76 10.71 -2.78
N ILE B 94 -106.69 11.31 -3.97
CA ILE B 94 -107.01 10.63 -5.21
C ILE B 94 -105.88 9.70 -5.59
N CYS B 95 -104.66 10.10 -5.22
CA CYS B 95 -103.47 9.31 -5.49
C CYS B 95 -103.55 7.94 -4.81
N PHE B 96 -103.55 7.96 -3.47
CA PHE B 96 -103.63 6.75 -2.67
C PHE B 96 -104.76 5.81 -3.05
N ARG B 97 -105.83 6.37 -3.61
CA ARG B 97 -106.97 5.56 -4.05
C ARG B 97 -106.41 4.38 -4.78
N GLU B 98 -106.22 4.67 -6.06
CA GLU B 98 -105.72 3.79 -7.10
C GLU B 98 -104.47 3.04 -6.69
N ASN B 99 -103.71 3.60 -5.75
CA ASN B 99 -102.48 2.96 -5.28
C ASN B 99 -102.62 2.22 -3.95
N MET B 100 -103.81 1.72 -3.65
CA MET B 100 -104.03 0.98 -2.40
C MET B 100 -103.83 -0.52 -2.69
N ASN B 101 -103.54 -0.81 -3.95
CA ASN B 101 -103.36 -2.17 -4.41
C ASN B 101 -101.88 -2.54 -4.56
N THR B 102 -101.02 -1.53 -4.51
CA THR B 102 -99.59 -1.79 -4.56
C THR B 102 -99.21 -1.87 -3.08
N TYR B 103 -100.23 -1.66 -2.23
CA TYR B 103 -100.10 -1.67 -0.78
C TYR B 103 -99.47 -2.96 -0.23
N ASP B 104 -98.61 -2.77 0.77
CA ASP B 104 -97.93 -3.86 1.44
C ASP B 104 -97.63 -3.42 2.86
N LYS B 105 -98.17 -4.15 3.83
CA LYS B 105 -97.98 -3.81 5.23
C LYS B 105 -96.50 -3.69 5.57
N LYS B 106 -95.66 -4.42 4.84
CA LYS B 106 -94.22 -4.39 5.08
C LYS B 106 -93.61 -3.11 4.52
N TYR B 107 -94.11 -2.01 5.06
CA TYR B 107 -93.69 -0.65 4.74
C TYR B 107 -94.30 0.15 5.87
N MET B 108 -94.65 -0.52 6.95
CA MET B 108 -95.28 0.10 8.10
C MET B 108 -94.34 0.41 9.27
N LEU B 109 -94.55 1.57 9.89
CA LEU B 109 -93.74 1.98 11.02
C LEU B 109 -92.28 1.59 10.75
N TYR B 110 -91.57 2.41 9.97
CA TYR B 110 -90.18 2.11 9.62
C TYR B 110 -89.17 3.11 10.16
N SER B 111 -87.87 2.81 9.99
CA SER B 111 -86.80 3.69 10.51
C SER B 111 -85.70 4.19 9.56
N ILE B 112 -84.44 4.03 9.97
CA ILE B 112 -83.28 4.50 9.21
C ILE B 112 -82.41 3.38 8.60
N PHE B 113 -83.07 2.30 8.19
CA PHE B 113 -82.38 1.19 7.56
C PHE B 113 -83.13 0.92 6.28
N ASP B 114 -83.98 1.87 5.92
CA ASP B 114 -84.76 1.73 4.70
C ASP B 114 -84.85 3.09 4.00
N CYS B 115 -84.68 4.16 4.79
CA CYS B 115 -84.76 5.51 4.27
C CYS B 115 -83.50 6.31 4.56
N LYS B 116 -82.35 5.66 4.39
CA LYS B 116 -81.05 6.27 4.62
C LYS B 116 -80.45 6.54 3.26
N GLU B 117 -81.26 6.33 2.22
CA GLU B 117 -80.78 6.52 0.86
C GLU B 117 -80.48 7.98 0.62
N GLU B 118 -80.08 8.24 -0.61
CA GLU B 118 -79.75 9.58 -1.04
C GLU B 118 -81.08 10.34 -1.07
N SER B 119 -81.45 10.92 0.08
CA SER B 119 -82.72 11.64 0.24
C SER B 119 -83.15 12.64 -0.84
N ASP B 120 -83.96 12.13 -1.78
CA ASP B 120 -84.51 12.90 -2.91
C ASP B 120 -85.07 14.22 -2.40
N GLN B 121 -84.74 15.33 -3.07
CA GLN B 121 -85.25 16.63 -2.65
C GLN B 121 -86.57 16.90 -3.37
N CYS B 122 -87.34 17.86 -2.86
CA CYS B 122 -88.61 18.22 -3.50
C CYS B 122 -88.45 18.56 -4.97
N ASN C 1 51.14 15.31 -22.39
CA ASN C 1 51.65 13.95 -22.18
C ASN C 1 51.78 13.65 -20.70
N PHE C 2 52.06 12.39 -20.36
CA PHE C 2 52.20 11.98 -18.98
C PHE C 2 53.28 12.75 -18.25
N PHE C 3 54.32 13.14 -18.99
CA PHE C 3 55.41 13.93 -18.43
C PHE C 3 54.78 15.21 -17.88
N GLN C 4 53.94 15.83 -18.71
CA GLN C 4 53.23 17.07 -18.37
C GLN C 4 52.12 16.80 -17.39
N PHE C 5 51.31 15.77 -17.67
CA PHE C 5 50.21 15.40 -16.80
C PHE C 5 50.81 15.23 -15.40
N ALA C 6 51.88 14.45 -15.32
CA ALA C 6 52.52 14.22 -14.04
C ALA C 6 52.99 15.54 -13.48
N GLU C 7 53.60 16.36 -14.33
CA GLU C 7 54.07 17.67 -13.91
C GLU C 7 52.93 18.42 -13.21
N MET C 8 51.73 18.35 -13.79
CA MET C 8 50.54 18.98 -13.24
C MET C 8 50.19 18.38 -11.89
N ILE C 9 49.94 17.08 -11.88
CA ILE C 9 49.59 16.38 -10.67
C ILE C 9 50.50 16.78 -9.53
N VAL C 10 51.80 16.56 -9.70
CA VAL C 10 52.78 16.91 -8.68
C VAL C 10 52.57 18.31 -8.14
N LYS C 11 52.99 19.27 -8.93
CA LYS C 11 52.90 20.67 -8.57
C LYS C 11 51.51 21.09 -8.13
N MET C 12 50.50 20.25 -8.37
CA MET C 12 49.14 20.63 -7.99
C MET C 12 48.77 20.46 -6.53
N THR C 13 49.78 20.38 -5.66
CA THR C 13 49.58 20.23 -4.21
C THR C 13 50.59 19.24 -3.64
N GLY C 14 50.56 17.99 -4.10
CA GLY C 14 51.50 17.01 -3.58
C GLY C 14 52.90 17.58 -3.70
N LYS C 15 53.49 18.03 -2.60
CA LYS C 15 54.84 18.61 -2.64
C LYS C 15 55.89 17.68 -3.26
N GLU C 16 56.45 18.08 -4.40
CA GLU C 16 57.47 17.31 -5.11
C GLU C 16 57.08 15.86 -5.36
N ALA C 17 55.81 15.60 -5.65
CA ALA C 17 55.35 14.23 -5.88
C ALA C 17 56.32 13.40 -6.71
N VAL C 18 56.08 12.10 -6.83
CA VAL C 18 56.95 11.21 -7.61
C VAL C 18 56.74 9.74 -7.24
N HIS C 19 55.61 9.19 -7.70
CA HIS C 19 55.19 7.81 -7.45
C HIS C 19 53.69 7.97 -7.19
N SER C 20 53.14 7.12 -6.33
CA SER C 20 51.73 7.17 -5.88
C SER C 20 50.57 6.66 -6.79
N TYR C 21 50.48 7.14 -8.02
CA TYR C 21 49.40 6.70 -8.91
C TYR C 21 49.88 5.82 -10.04
N ALA C 22 51.16 5.44 -10.00
CA ALA C 22 51.76 4.57 -11.01
C ALA C 22 50.95 3.28 -11.06
N ILE C 23 50.33 2.94 -9.93
CA ILE C 23 49.52 1.73 -9.77
C ILE C 23 48.64 1.89 -8.52
N TYR C 24 47.34 2.02 -8.73
CA TYR C 24 46.41 2.22 -7.62
C TYR C 24 44.96 2.04 -8.08
N GLY C 25 44.11 1.51 -7.22
CA GLY C 25 42.71 1.32 -7.56
C GLY C 25 42.47 0.50 -8.82
N CYS C 26 41.31 0.69 -9.45
CA CYS C 26 40.99 -0.05 -10.67
C CYS C 26 41.29 0.75 -11.93
N TYR C 27 41.46 2.08 -11.79
CA TYR C 27 41.75 2.97 -12.92
C TYR C 27 42.91 3.93 -12.74
N CYS C 28 43.61 3.83 -11.61
CA CYS C 28 44.75 4.71 -11.36
C CYS C 28 46.09 4.05 -11.68
N GLY C 29 46.26 3.64 -12.93
CA GLY C 29 47.50 3.02 -13.33
C GLY C 29 47.33 1.99 -14.43
N TRP C 30 48.14 0.93 -14.37
CA TRP C 30 48.09 -0.14 -15.35
C TRP C 30 46.91 -1.07 -15.12
N GLY C 31 45.72 -0.48 -15.03
CA GLY C 31 44.51 -1.26 -14.82
C GLY C 31 43.62 -1.14 -16.04
N GLY C 32 42.42 -0.61 -15.84
CA GLY C 32 41.52 -0.43 -16.96
C GLY C 32 40.14 -1.06 -16.86
N GLN C 33 39.86 -1.80 -15.79
CA GLN C 33 38.55 -2.42 -15.68
C GLN C 33 38.02 -2.39 -14.26
N GLY C 34 36.69 -2.47 -14.15
CA GLY C 34 36.00 -2.45 -12.86
C GLY C 34 35.45 -1.07 -12.60
N LYS C 35 35.06 -0.79 -11.36
CA LYS C 35 34.57 0.54 -11.02
C LYS C 35 35.56 1.16 -10.03
N PRO C 36 35.76 2.48 -10.11
CA PRO C 36 36.70 3.19 -9.22
C PRO C 36 36.54 2.84 -7.75
N GLN C 37 37.41 1.96 -7.23
CA GLN C 37 37.35 1.55 -5.82
C GLN C 37 37.15 2.68 -4.83
N ASP C 38 37.67 3.87 -5.14
CA ASP C 38 37.55 5.03 -4.25
C ASP C 38 37.65 6.33 -5.02
N ALA C 39 37.43 7.43 -4.31
CA ALA C 39 37.47 8.78 -4.88
C ALA C 39 38.72 8.94 -5.75
N THR C 40 39.84 8.50 -5.20
CA THR C 40 41.13 8.55 -5.87
C THR C 40 41.05 7.76 -7.16
N ASP C 41 40.57 6.53 -7.06
CA ASP C 41 40.43 5.66 -8.22
C ASP C 41 39.30 6.15 -9.11
N ARG C 42 38.52 7.12 -8.65
CA ARG C 42 37.44 7.63 -9.49
C ARG C 42 37.95 8.90 -10.13
N CYS C 43 39.14 9.32 -9.70
CA CYS C 43 39.78 10.50 -10.25
C CYS C 43 40.36 10.10 -11.59
N CYS C 44 41.07 8.97 -11.59
CA CYS C 44 41.71 8.44 -12.77
C CYS C 44 40.72 7.88 -13.81
N PHE C 45 39.64 7.28 -13.34
CA PHE C 45 38.61 6.72 -14.22
C PHE C 45 38.02 7.75 -15.13
N VAL C 46 37.70 8.92 -14.55
CA VAL C 46 37.13 10.04 -15.30
C VAL C 46 38.12 10.34 -16.40
N HIS C 47 39.35 10.57 -15.98
CA HIS C 47 40.48 10.85 -16.87
C HIS C 47 40.57 9.79 -17.96
N ASP C 48 40.18 8.56 -17.62
CA ASP C 48 40.19 7.44 -18.57
C ASP C 48 39.00 7.56 -19.49
N CYS C 49 38.21 8.60 -19.28
CA CYS C 49 37.01 8.84 -20.07
C CYS C 49 36.77 10.32 -20.32
N CYS C 50 37.86 11.07 -20.23
CA CYS C 50 37.88 12.49 -20.50
C CYS C 50 38.79 12.51 -21.72
N TYR C 51 39.69 11.52 -21.73
CA TYR C 51 40.64 11.32 -22.81
C TYR C 51 39.92 10.68 -24.01
N GLY C 52 39.25 9.57 -23.75
CA GLY C 52 38.55 8.87 -24.81
C GLY C 52 37.60 9.70 -25.63
N THR C 53 37.29 10.91 -25.16
CA THR C 53 36.36 11.79 -25.86
C THR C 53 37.08 12.84 -26.72
N VAL C 54 38.35 13.09 -26.42
CA VAL C 54 39.13 14.06 -27.17
C VAL C 54 39.03 13.73 -28.64
N ASN C 55 39.11 14.74 -29.50
CA ASN C 55 39.04 14.50 -30.94
C ASN C 55 40.16 15.19 -31.72
N ASP C 56 40.59 14.51 -32.79
CA ASP C 56 41.64 14.94 -33.72
C ASP C 56 42.98 14.26 -33.44
N CYS C 57 43.33 14.19 -32.17
CA CYS C 57 44.59 13.60 -31.76
C CYS C 57 44.39 12.58 -30.64
N ASN C 58 45.51 12.06 -30.12
CA ASN C 58 45.52 11.11 -29.02
C ASN C 58 46.34 11.71 -27.88
N PRO C 59 45.74 11.76 -26.67
CA PRO C 59 46.26 12.27 -25.40
C PRO C 59 47.68 11.85 -25.01
N LYS C 60 48.10 10.66 -25.41
CA LYS C 60 49.44 10.17 -25.10
C LYS C 60 50.58 10.96 -25.75
N MET C 61 50.47 11.19 -27.05
CA MET C 61 51.51 11.92 -27.77
C MET C 61 51.35 13.43 -27.59
N ALA C 62 50.10 13.90 -27.70
CA ALA C 62 49.77 15.32 -27.56
C ALA C 62 50.72 16.00 -26.60
N THR C 63 51.25 17.15 -27.01
CA THR C 63 52.20 17.90 -26.20
C THR C 63 51.74 19.35 -26.03
N TYR C 64 50.72 19.52 -25.20
CA TYR C 64 50.15 20.84 -24.94
C TYR C 64 51.13 21.76 -24.22
N SER C 65 50.65 22.91 -23.79
CA SER C 65 51.47 23.88 -23.08
C SER C 65 50.63 24.53 -21.99
N TYR C 66 51.23 24.77 -20.83
CA TYR C 66 50.51 25.34 -19.70
C TYR C 66 51.36 26.30 -18.90
N SER C 67 50.78 26.75 -17.78
CA SER C 67 51.44 27.67 -16.87
C SER C 67 50.68 27.66 -15.54
N PHE C 68 51.38 27.23 -14.48
CA PHE C 68 50.79 27.16 -13.15
C PHE C 68 50.62 28.57 -12.60
N GLU C 69 49.47 29.17 -12.91
CA GLU C 69 49.12 30.52 -12.48
C GLU C 69 49.36 30.68 -10.99
N ASN C 70 48.27 30.81 -10.23
CA ASN C 70 48.33 30.92 -8.78
C ASN C 70 48.17 29.47 -8.34
N GLY C 71 47.49 29.25 -7.23
CA GLY C 71 47.22 27.89 -6.78
C GLY C 71 46.15 27.45 -7.74
N ASP C 72 46.39 27.87 -8.99
CA ASP C 72 45.54 27.65 -10.16
C ASP C 72 46.48 27.47 -11.35
N ILE C 73 46.12 26.55 -12.23
CA ILE C 73 46.91 26.28 -13.42
C ILE C 73 46.17 26.95 -14.57
N VAL C 74 46.73 26.87 -15.77
CA VAL C 74 46.11 27.47 -16.95
C VAL C 74 46.60 26.79 -18.21
N CYS C 75 45.78 26.86 -19.26
CA CYS C 75 46.10 26.26 -20.55
C CYS C 75 46.17 27.35 -21.63
N GLY C 76 47.37 27.82 -21.96
CA GLY C 76 47.49 28.82 -22.99
C GLY C 76 47.42 28.14 -24.35
N ASP C 77 47.33 26.82 -24.30
CA ASP C 77 47.27 25.94 -25.47
C ASP C 77 46.25 26.31 -26.54
N ASN C 78 46.68 27.09 -27.52
CA ASN C 78 45.79 27.50 -28.61
C ASN C 78 45.77 26.42 -29.69
N ASN C 79 45.06 25.33 -29.40
CA ASN C 79 44.92 24.20 -30.31
C ASN C 79 43.76 23.39 -29.75
N LEU C 80 42.83 23.01 -30.62
CA LEU C 80 41.63 22.26 -30.25
C LEU C 80 41.83 20.94 -29.50
N CYS C 81 42.50 20.00 -30.14
CA CYS C 81 42.71 18.69 -29.54
C CYS C 81 43.72 18.70 -28.39
N LEU C 82 44.61 19.69 -28.38
CA LEU C 82 45.60 19.80 -27.33
C LEU C 82 44.96 20.27 -26.02
N LYS C 83 44.37 21.47 -26.07
CA LYS C 83 43.75 22.04 -24.89
C LYS C 83 42.86 21.08 -24.11
N THR C 84 41.99 20.34 -24.80
CA THR C 84 41.11 19.41 -24.10
C THR C 84 41.88 18.45 -23.19
N VAL C 85 43.12 18.15 -23.55
CA VAL C 85 43.96 17.26 -22.75
C VAL C 85 44.56 18.09 -21.61
N CYS C 86 45.02 19.29 -21.95
CA CYS C 86 45.57 20.18 -20.93
C CYS C 86 44.43 20.41 -19.95
N GLU C 87 43.23 20.08 -20.40
CA GLU C 87 42.02 20.23 -19.62
C GLU C 87 41.91 19.06 -18.66
N CYS C 88 41.73 17.87 -19.23
CA CYS C 88 41.60 16.66 -18.43
C CYS C 88 42.70 16.65 -17.38
N ASP C 89 43.94 16.78 -17.82
CA ASP C 89 45.08 16.79 -16.90
C ASP C 89 44.86 17.88 -15.85
N ARG C 90 44.11 18.91 -16.20
CA ARG C 90 43.82 20.00 -15.27
C ARG C 90 42.74 19.57 -14.27
N ALA C 91 41.77 18.80 -14.74
CA ALA C 91 40.70 18.32 -13.88
C ALA C 91 41.13 17.17 -12.97
N ALA C 92 42.28 16.56 -13.28
CA ALA C 92 42.79 15.43 -12.49
C ALA C 92 43.71 15.92 -11.39
N ALA C 93 44.59 16.83 -11.73
CA ALA C 93 45.53 17.38 -10.76
C ALA C 93 44.73 17.96 -9.59
N ILE C 94 43.53 18.45 -9.87
CA ILE C 94 42.70 18.99 -8.81
C ILE C 94 42.04 17.84 -8.10
N CYS C 95 41.47 16.93 -8.87
CA CYS C 95 40.81 15.77 -8.30
C CYS C 95 41.76 15.08 -7.33
N LEU C 96 42.84 14.54 -7.88
CA LEU C 96 43.84 13.83 -7.09
C LEU C 96 44.23 14.60 -5.85
N GLY C 97 44.58 15.87 -6.04
CA GLY C 97 44.95 16.68 -4.91
C GLY C 97 43.86 16.73 -3.87
N GLN C 98 42.64 17.09 -4.30
CA GLN C 98 41.51 17.22 -3.40
C GLN C 98 40.92 15.94 -2.82
N ASN C 99 41.61 14.80 -2.97
CA ASN C 99 41.09 13.54 -2.46
C ASN C 99 42.15 12.67 -1.77
N VAL C 100 43.20 13.29 -1.24
CA VAL C 100 44.25 12.52 -0.60
C VAL C 100 44.00 12.25 0.87
N ASN C 101 42.96 12.88 1.42
CA ASN C 101 42.62 12.68 2.82
C ASN C 101 42.08 11.26 2.95
N THR C 102 41.28 10.89 1.96
CA THR C 102 40.67 9.58 1.90
C THR C 102 41.55 8.60 1.14
N TYR C 103 42.69 9.09 0.62
CA TYR C 103 43.62 8.25 -0.14
C TYR C 103 44.02 7.03 0.64
N ASP C 104 43.58 5.86 0.18
CA ASP C 104 43.93 4.64 0.87
C ASP C 104 45.26 4.19 0.32
N LYS C 105 45.94 3.29 1.03
CA LYS C 105 47.25 2.86 0.57
C LYS C 105 47.22 1.51 -0.12
N ASN C 106 47.07 0.45 0.65
CA ASN C 106 47.05 -0.92 0.13
C ASN C 106 46.30 -1.11 -1.20
N TYR C 107 45.60 -0.07 -1.68
CA TYR C 107 44.90 -0.13 -2.97
C TYR C 107 45.96 0.02 -4.06
N GLU C 108 47.22 0.13 -3.66
CA GLU C 108 48.30 0.25 -4.61
C GLU C 108 48.59 -1.15 -5.16
N ASN C 109 49.40 -1.23 -6.22
CA ASN C 109 49.81 -2.48 -6.86
C ASN C 109 48.95 -3.69 -6.49
N TYR C 110 47.65 -3.64 -6.77
CA TYR C 110 46.78 -4.75 -6.40
C TYR C 110 45.87 -5.33 -7.50
N ALA C 111 45.47 -6.57 -7.26
CA ALA C 111 44.61 -7.36 -8.13
C ALA C 111 45.45 -8.25 -9.05
N ILE C 112 45.97 -9.35 -8.51
CA ILE C 112 46.76 -10.28 -9.32
C ILE C 112 45.72 -10.99 -10.17
N SER C 113 44.47 -10.68 -9.82
CA SER C 113 43.28 -11.20 -10.47
C SER C 113 42.08 -10.44 -9.87
N HIS C 114 41.83 -9.21 -10.35
CA HIS C 114 40.68 -8.45 -9.86
C HIS C 114 40.34 -7.15 -10.59
N CYS C 115 39.17 -6.59 -10.25
CA CYS C 115 38.59 -5.37 -10.82
C CYS C 115 37.91 -5.76 -12.11
N THR C 116 37.72 -7.05 -12.31
CA THR C 116 37.09 -7.52 -13.54
C THR C 116 35.61 -7.65 -13.37
N GLU C 117 35.00 -8.37 -14.30
CA GLU C 117 33.56 -8.66 -14.29
C GLU C 117 32.61 -7.56 -14.75
N GLU C 118 33.14 -6.38 -15.09
CA GLU C 118 32.24 -5.32 -15.58
C GLU C 118 32.88 -4.09 -16.23
N SER C 119 33.46 -3.21 -15.42
CA SER C 119 34.07 -1.96 -15.87
C SER C 119 32.96 -0.92 -16.02
N GLU C 120 32.93 0.06 -15.12
CA GLU C 120 31.93 1.11 -15.18
C GLU C 120 31.98 1.73 -16.57
N GLN C 121 30.85 2.26 -17.02
CA GLN C 121 30.82 2.88 -18.34
C GLN C 121 30.85 4.40 -18.18
N CYS C 122 30.87 5.12 -19.30
CA CYS C 122 30.96 6.57 -19.26
C CYS C 122 29.75 7.33 -19.81
N ASN D 1 42.70 -3.08 -21.54
CA ASN D 1 43.30 -2.34 -20.43
C ASN D 1 44.77 -2.65 -20.18
N LEU D 2 45.41 -1.82 -19.35
CA LEU D 2 46.82 -2.02 -19.05
C LEU D 2 47.02 -3.15 -18.05
N PHE D 3 45.92 -3.82 -17.71
CA PHE D 3 45.98 -4.95 -16.81
C PHE D 3 46.45 -6.11 -17.69
N GLN D 4 45.90 -6.15 -18.91
CA GLN D 4 46.22 -7.20 -19.88
C GLN D 4 47.54 -6.93 -20.63
N PHE D 5 47.90 -5.65 -20.74
CA PHE D 5 49.15 -5.31 -21.38
C PHE D 5 50.22 -5.89 -20.47
N ALA D 6 50.06 -5.64 -19.17
CA ALA D 6 50.97 -6.13 -18.15
C ALA D 6 50.99 -7.66 -18.09
N ARG D 7 49.86 -8.29 -18.41
CA ARG D 7 49.80 -9.75 -18.39
C ARG D 7 50.44 -10.33 -19.65
N LEU D 8 50.36 -9.60 -20.75
CA LEU D 8 50.95 -10.05 -22.01
C LEU D 8 52.45 -9.84 -21.93
N ILE D 9 52.83 -8.67 -21.43
CA ILE D 9 54.25 -8.33 -21.26
C ILE D 9 54.80 -9.44 -20.38
N ASP D 10 54.32 -9.52 -19.16
CA ASP D 10 54.77 -10.55 -18.24
C ASP D 10 54.73 -11.94 -18.88
N ALA D 11 53.84 -12.14 -19.85
CA ALA D 11 53.71 -13.43 -20.52
C ALA D 11 54.97 -13.72 -21.28
N LYS D 12 55.68 -12.64 -21.61
CA LYS D 12 56.93 -12.72 -22.36
C LYS D 12 58.12 -12.49 -21.43
N GLN D 13 57.87 -12.38 -20.13
CA GLN D 13 58.95 -12.14 -19.16
C GLN D 13 58.56 -12.42 -17.70
N GLU D 14 58.95 -13.59 -17.18
CA GLU D 14 58.66 -13.93 -15.79
C GLU D 14 57.38 -13.27 -15.28
N ALA D 15 57.46 -12.65 -14.11
CA ALA D 15 56.32 -11.98 -13.53
C ALA D 15 56.72 -10.65 -12.93
N PHE D 16 55.76 -9.74 -12.80
CA PHE D 16 55.99 -8.42 -12.24
C PHE D 16 57.02 -7.65 -13.05
N SER D 17 57.59 -8.29 -14.07
CA SER D 17 58.63 -7.70 -14.90
C SER D 17 58.21 -6.53 -15.79
N PHE D 18 56.93 -6.16 -15.71
CA PHE D 18 56.41 -5.03 -16.49
C PHE D 18 56.55 -3.83 -15.57
N PHE D 19 57.10 -4.08 -14.39
CA PHE D 19 57.30 -3.05 -13.40
C PHE D 19 58.36 -2.08 -13.86
N LYS D 20 59.17 -2.51 -14.82
CA LYS D 20 60.24 -1.66 -15.33
C LYS D 20 59.94 -0.81 -16.56
N TYR D 21 58.66 -0.61 -16.84
CA TYR D 21 58.25 0.22 -17.98
C TYR D 21 57.22 1.18 -17.44
N ILE D 22 56.97 1.11 -16.13
CA ILE D 22 56.02 1.98 -15.45
C ILE D 22 56.29 3.42 -15.91
N SER D 23 57.56 3.78 -15.94
CA SER D 23 58.05 5.10 -16.36
C SER D 23 59.51 4.89 -16.77
N TYR D 24 59.73 4.52 -18.03
CA TYR D 24 61.07 4.23 -18.52
C TYR D 24 61.38 4.86 -19.87
N GLY D 25 62.42 5.67 -19.90
CA GLY D 25 62.82 6.30 -21.15
C GLY D 25 61.96 7.48 -21.54
N CYS D 26 61.90 7.76 -22.84
CA CYS D 26 61.12 8.89 -23.32
C CYS D 26 59.67 8.57 -23.61
N TYR D 27 59.31 7.28 -23.62
CA TYR D 27 57.93 6.94 -23.95
C TYR D 27 57.24 5.93 -23.05
N CYS D 28 57.98 4.94 -22.57
CA CYS D 28 57.36 3.93 -21.73
C CYS D 28 56.65 4.54 -20.54
N GLY D 29 55.48 3.98 -20.23
CA GLY D 29 54.68 4.44 -19.13
C GLY D 29 54.34 5.90 -19.25
N TRP D 30 54.84 6.69 -18.31
CA TRP D 30 54.60 8.12 -18.26
C TRP D 30 55.54 8.90 -19.14
N GLY D 31 55.17 9.08 -20.41
CA GLY D 31 56.01 9.84 -21.31
C GLY D 31 55.24 10.41 -22.48
N GLY D 32 55.64 10.02 -23.69
CA GLY D 32 54.99 10.47 -24.90
C GLY D 32 55.62 11.74 -25.43
N GLN D 33 56.93 11.87 -25.20
CA GLN D 33 57.66 13.06 -25.61
C GLN D 33 59.10 12.83 -26.03
N GLY D 34 59.50 13.46 -27.13
CA GLY D 34 60.88 13.35 -27.60
C GLY D 34 61.21 12.24 -28.57
N THR D 35 62.39 11.66 -28.39
CA THR D 35 62.87 10.55 -29.23
C THR D 35 63.14 9.29 -28.41
N PRO D 36 62.72 8.12 -28.94
CA PRO D 36 62.89 6.81 -28.28
C PRO D 36 64.35 6.53 -27.91
N LYS D 37 64.61 6.55 -26.61
CA LYS D 37 65.94 6.33 -26.07
C LYS D 37 66.60 5.04 -26.53
N ASP D 38 65.82 4.00 -26.78
CA ASP D 38 66.43 2.74 -27.20
C ASP D 38 65.42 1.68 -27.56
N ALA D 39 65.98 0.54 -28.01
CA ALA D 39 65.23 -0.64 -28.41
C ALA D 39 63.93 -0.78 -27.63
N THR D 40 64.04 -0.82 -26.31
CA THR D 40 62.87 -0.93 -25.45
C THR D 40 61.95 0.27 -25.68
N ASP D 41 62.48 1.47 -25.44
CA ASP D 41 61.69 2.69 -25.62
C ASP D 41 60.91 2.59 -26.93
N ARG D 42 61.60 2.22 -28.01
CA ARG D 42 60.94 2.07 -29.29
C ARG D 42 59.70 1.21 -29.07
N CYS D 43 59.91 0.00 -28.56
CA CYS D 43 58.78 -0.87 -28.29
C CYS D 43 57.60 -0.05 -27.78
N CYS D 44 57.87 0.82 -26.81
CA CYS D 44 56.82 1.67 -26.23
C CYS D 44 56.37 2.73 -27.20
N PHE D 45 57.32 3.46 -27.78
CA PHE D 45 56.99 4.52 -28.74
C PHE D 45 55.92 4.03 -29.71
N VAL D 46 56.29 3.00 -30.47
CA VAL D 46 55.40 2.40 -31.45
C VAL D 46 54.12 1.88 -30.83
N HIS D 47 54.20 1.38 -29.61
CA HIS D 47 53.01 0.88 -28.93
C HIS D 47 51.98 2.00 -28.90
N ASP D 48 52.39 3.16 -28.40
CA ASP D 48 51.48 4.29 -28.31
C ASP D 48 50.90 4.61 -29.68
N CYS D 49 51.77 4.94 -30.63
CA CYS D 49 51.32 5.24 -31.98
C CYS D 49 50.41 4.15 -32.51
N CYS D 50 50.49 2.97 -31.92
CA CYS D 50 49.65 1.86 -32.36
C CYS D 50 48.21 1.97 -31.87
N TYR D 51 48.03 2.37 -30.62
CA TYR D 51 46.69 2.57 -30.10
C TYR D 51 46.09 3.64 -31.01
N ALA D 52 46.81 4.73 -31.17
CA ALA D 52 46.40 5.85 -32.02
C ALA D 52 45.82 5.44 -33.39
N ARG D 53 46.00 4.18 -33.77
CA ARG D 53 45.50 3.67 -35.06
C ARG D 53 44.45 2.59 -34.84
N VAL D 54 43.59 2.82 -33.86
CA VAL D 54 42.51 1.90 -33.55
C VAL D 54 41.22 2.70 -33.63
N LYS D 55 40.32 2.27 -34.49
CA LYS D 55 39.04 2.94 -34.67
C LYS D 55 37.89 2.34 -33.83
N GLY D 56 37.13 3.21 -33.19
CA GLY D 56 36.01 2.77 -32.38
C GLY D 56 36.30 2.82 -30.89
N CYS D 57 36.44 1.62 -30.31
CA CYS D 57 36.72 1.41 -28.89
C CYS D 57 37.90 2.24 -28.38
N ASN D 58 38.08 2.25 -27.06
CA ASN D 58 39.19 2.99 -26.42
C ASN D 58 40.17 1.97 -25.83
N PRO D 59 41.47 2.09 -26.20
CA PRO D 59 42.57 1.21 -25.75
C PRO D 59 42.65 0.84 -24.28
N LYS D 60 42.48 1.80 -23.37
CA LYS D 60 42.58 1.48 -21.95
C LYS D 60 41.24 1.14 -21.29
N LEU D 61 40.14 1.49 -21.95
CA LEU D 61 38.84 1.17 -21.40
C LEU D 61 38.50 -0.29 -21.73
N VAL D 62 38.65 -0.63 -23.00
CA VAL D 62 38.34 -1.94 -23.55
C VAL D 62 39.01 -3.18 -22.97
N GLU D 63 38.20 -4.18 -22.61
CA GLU D 63 38.73 -5.42 -22.10
C GLU D 63 38.69 -6.38 -23.27
N TYR D 64 39.78 -6.44 -24.03
CA TYR D 64 39.86 -7.34 -25.17
C TYR D 64 40.07 -8.73 -24.62
N SER D 65 39.94 -9.74 -25.48
CA SER D 65 40.12 -11.10 -25.01
C SER D 65 41.27 -11.80 -25.73
N TYR D 66 42.15 -12.40 -24.95
CA TYR D 66 43.31 -13.10 -25.51
C TYR D 66 43.34 -14.51 -24.94
N SER D 67 44.33 -15.28 -25.37
CA SER D 67 44.48 -16.65 -24.91
C SER D 67 45.91 -17.07 -25.13
N TYR D 68 46.76 -16.87 -24.13
CA TYR D 68 48.16 -17.25 -24.25
C TYR D 68 48.26 -18.76 -24.29
N ARG D 69 48.51 -19.32 -25.47
CA ARG D 69 48.61 -20.77 -25.62
C ARG D 69 49.99 -21.28 -26.01
N THR D 70 50.34 -22.41 -25.41
CA THR D 70 51.60 -23.06 -25.68
C THR D 70 52.73 -22.12 -26.09
N GLY D 71 52.81 -20.97 -25.45
CA GLY D 71 53.87 -20.05 -25.78
C GLY D 71 53.50 -18.94 -26.73
N LYS D 72 52.21 -18.71 -26.94
CA LYS D 72 51.77 -17.63 -27.82
C LYS D 72 50.52 -16.91 -27.35
N ILE D 73 50.56 -15.58 -27.37
CA ILE D 73 49.42 -14.78 -26.98
C ILE D 73 48.46 -14.69 -28.16
N VAL D 74 47.40 -15.48 -28.10
CA VAL D 74 46.42 -15.53 -29.17
C VAL D 74 45.43 -14.36 -29.09
N CYS D 75 45.67 -13.30 -29.86
CA CYS D 75 44.74 -12.17 -29.86
C CYS D 75 43.59 -12.59 -30.73
N GLY D 76 42.49 -12.99 -30.12
CA GLY D 76 41.37 -13.45 -30.92
C GLY D 76 39.99 -13.39 -30.32
N GLY D 77 39.08 -12.87 -31.14
CA GLY D 77 37.70 -12.73 -30.79
C GLY D 77 37.16 -11.68 -31.73
N ASP D 78 35.93 -11.25 -31.47
CA ASP D 78 35.19 -10.22 -32.21
C ASP D 78 35.95 -9.23 -33.11
N ASP D 79 35.28 -8.12 -33.42
CA ASP D 79 35.83 -7.06 -34.27
C ASP D 79 37.26 -6.61 -33.99
N PRO D 80 37.88 -5.91 -34.96
CA PRO D 80 39.25 -5.39 -34.90
C PRO D 80 39.62 -4.47 -33.74
N CYS D 81 38.95 -3.33 -33.64
CA CYS D 81 39.23 -2.35 -32.59
C CYS D 81 39.87 -3.05 -31.41
N LEU D 82 39.23 -4.11 -30.94
CA LEU D 82 39.75 -4.88 -29.84
C LEU D 82 40.90 -5.75 -30.30
N ARG D 83 40.64 -6.49 -31.38
CA ARG D 83 41.62 -7.39 -31.97
C ARG D 83 42.94 -6.65 -32.21
N ALA D 84 42.85 -5.44 -32.72
CA ALA D 84 44.04 -4.64 -32.99
C ALA D 84 44.67 -4.04 -31.73
N VAL D 85 43.85 -3.77 -30.72
CA VAL D 85 44.38 -3.23 -29.47
C VAL D 85 45.15 -4.40 -28.90
N CYS D 86 44.45 -5.50 -28.72
CA CYS D 86 45.08 -6.69 -28.22
C CYS D 86 46.36 -6.87 -29.02
N GLU D 87 46.36 -6.37 -30.25
CA GLU D 87 47.56 -6.45 -31.08
C GLU D 87 48.56 -5.44 -30.62
N CYS D 88 48.16 -4.17 -30.56
CA CYS D 88 49.06 -3.12 -30.09
C CYS D 88 49.76 -3.64 -28.83
N ASP D 89 49.01 -4.38 -28.01
CA ASP D 89 49.53 -4.92 -26.77
C ASP D 89 50.19 -6.29 -26.90
N ARG D 90 49.95 -6.98 -28.01
CA ARG D 90 50.57 -8.29 -28.23
C ARG D 90 51.95 -8.17 -28.87
N VAL D 91 52.05 -7.28 -29.86
CA VAL D 91 53.29 -7.04 -30.58
C VAL D 91 54.26 -6.23 -29.72
N ALA D 92 53.71 -5.34 -28.90
CA ALA D 92 54.53 -4.49 -28.05
C ALA D 92 55.28 -5.37 -27.07
N ALA D 93 54.68 -6.51 -26.74
CA ALA D 93 55.24 -7.45 -25.80
C ALA D 93 56.41 -8.28 -26.35
N ILE D 94 56.24 -8.92 -27.51
CA ILE D 94 57.36 -9.71 -28.06
C ILE D 94 58.57 -8.81 -28.16
N CYS D 95 58.28 -7.55 -28.48
CA CYS D 95 59.27 -6.51 -28.65
C CYS D 95 60.04 -6.30 -27.37
N PHE D 96 59.41 -6.57 -26.24
CA PHE D 96 60.08 -6.38 -24.98
C PHE D 96 60.96 -7.52 -24.50
N ARG D 97 60.51 -8.75 -24.69
CA ARG D 97 61.28 -9.92 -24.26
C ARG D 97 62.63 -9.98 -24.94
N GLU D 98 62.66 -9.52 -26.19
CA GLU D 98 63.87 -9.52 -26.99
C GLU D 98 64.86 -8.45 -26.54
N ASN D 99 64.55 -7.19 -26.77
CA ASN D 99 65.45 -6.11 -26.38
C ASN D 99 65.63 -6.02 -24.87
N MET D 100 65.13 -7.01 -24.14
CA MET D 100 65.22 -7.02 -22.67
C MET D 100 66.67 -6.99 -22.23
N ASN D 101 67.57 -7.40 -23.12
CA ASN D 101 69.00 -7.41 -22.83
C ASN D 101 69.68 -6.10 -23.20
N THR D 102 68.88 -5.11 -23.57
CA THR D 102 69.40 -3.79 -23.94
C THR D 102 68.86 -2.81 -22.92
N TYR D 103 68.01 -3.33 -22.03
CA TYR D 103 67.37 -2.52 -21.00
C TYR D 103 68.39 -1.81 -20.14
N ASP D 104 68.73 -0.59 -20.56
CA ASP D 104 69.69 0.23 -19.85
C ASP D 104 69.06 0.76 -18.58
N LYS D 105 69.25 -0.01 -17.51
CA LYS D 105 68.73 0.31 -16.19
C LYS D 105 68.65 1.79 -15.86
N LYS D 106 69.55 2.57 -16.46
CA LYS D 106 69.63 4.00 -16.19
C LYS D 106 68.53 4.91 -16.76
N TYR D 107 67.52 4.33 -17.39
CA TYR D 107 66.44 5.14 -17.96
C TYR D 107 65.13 5.17 -17.16
N MET D 108 65.02 4.35 -16.12
CA MET D 108 63.80 4.34 -15.32
C MET D 108 63.50 5.77 -14.88
N LEU D 109 62.25 6.00 -14.46
CA LEU D 109 61.80 7.31 -14.01
C LEU D 109 62.72 8.41 -14.54
N TYR D 110 62.84 8.45 -15.87
CA TYR D 110 63.67 9.40 -16.60
C TYR D 110 63.01 10.76 -16.72
N SER D 111 63.81 11.81 -16.84
CA SER D 111 63.31 13.18 -16.94
C SER D 111 62.86 13.62 -18.34
N ILE D 112 62.16 14.77 -18.39
CA ILE D 112 61.65 15.36 -19.62
C ILE D 112 62.72 16.24 -20.23
N PHE D 113 63.74 16.53 -19.43
CA PHE D 113 64.87 17.36 -19.85
C PHE D 113 65.81 16.57 -20.77
N ASP D 114 65.69 15.25 -20.75
CA ASP D 114 66.51 14.40 -21.60
C ASP D 114 65.61 13.78 -22.70
N CYS D 115 64.49 14.44 -22.96
CA CYS D 115 63.54 14.00 -24.00
C CYS D 115 62.83 15.23 -24.50
N LYS D 116 63.56 16.13 -25.15
CA LYS D 116 62.95 17.36 -25.63
C LYS D 116 63.08 17.65 -27.12
N GLU D 117 63.68 16.73 -27.88
CA GLU D 117 63.82 16.95 -29.31
C GLU D 117 62.42 16.91 -29.92
N GLU D 118 62.27 17.49 -31.11
CA GLU D 118 60.97 17.49 -31.78
C GLU D 118 60.42 16.07 -31.76
N SER D 119 59.21 15.93 -31.20
CA SER D 119 58.61 14.62 -31.09
C SER D 119 58.82 13.72 -32.31
N ASP D 120 59.10 12.46 -32.02
CA ASP D 120 59.34 11.44 -33.04
C ASP D 120 58.02 11.17 -33.77
N GLN D 121 57.96 11.51 -35.05
CA GLN D 121 56.75 11.29 -35.85
C GLN D 121 56.38 9.81 -35.92
N CYS D 122 55.12 9.51 -35.62
CA CYS D 122 54.65 8.14 -35.65
C CYS D 122 55.07 7.40 -36.93
N ASN E 1 118.25 5.17 3.46
CA ASN E 1 117.93 3.86 2.92
C ASN E 1 116.84 3.14 3.72
N PHE E 2 116.83 1.81 3.65
CA PHE E 2 115.87 0.98 4.36
C PHE E 2 116.22 0.75 5.81
N PHE E 3 117.43 0.31 6.08
CA PHE E 3 117.81 0.09 7.46
C PHE E 3 117.36 1.32 8.27
N GLN E 4 117.42 2.50 7.63
CA GLN E 4 117.05 3.78 8.25
C GLN E 4 115.57 4.02 8.45
N PHE E 5 114.74 3.58 7.50
CA PHE E 5 113.30 3.76 7.60
C PHE E 5 112.81 2.82 8.69
N ALA E 6 113.29 1.59 8.65
CA ALA E 6 112.93 0.58 9.62
C ALA E 6 113.40 1.00 11.02
N GLU E 7 114.38 1.90 11.07
CA GLU E 7 114.92 2.39 12.34
C GLU E 7 114.13 3.60 12.85
N MET E 8 113.54 4.34 11.91
CA MET E 8 112.72 5.54 12.19
C MET E 8 111.30 5.20 12.58
N ILE E 9 110.73 4.22 11.88
CA ILE E 9 109.38 3.74 12.16
C ILE E 9 109.46 3.32 13.62
N VAL E 10 110.40 2.43 13.89
CA VAL E 10 110.65 1.88 15.22
C VAL E 10 110.87 2.92 16.31
N LYS E 11 111.39 4.09 15.96
CA LYS E 11 111.62 5.12 16.96
C LYS E 11 110.35 5.85 17.37
N MET E 12 109.53 6.20 16.40
CA MET E 12 108.30 6.91 16.71
C MET E 12 107.28 5.96 17.31
N THR E 13 107.63 4.68 17.35
CA THR E 13 106.73 3.69 17.93
C THR E 13 107.51 2.76 18.86
N GLY E 14 107.66 1.49 18.50
CA GLY E 14 108.36 0.56 19.37
C GLY E 14 109.51 -0.28 18.85
N LYS E 15 110.35 -0.69 19.80
CA LYS E 15 111.54 -1.52 19.59
C LYS E 15 111.67 -2.17 18.21
N GLU E 16 110.59 -2.74 17.70
CA GLU E 16 110.67 -3.39 16.40
C GLU E 16 109.42 -3.29 15.54
N ALA E 17 109.08 -2.05 15.16
CA ALA E 17 107.90 -1.84 14.33
C ALA E 17 108.05 -2.59 13.01
N VAL E 18 109.09 -2.26 12.25
CA VAL E 18 109.37 -2.92 10.97
C VAL E 18 108.45 -4.12 10.82
N HIS E 19 108.99 -5.29 11.19
CA HIS E 19 108.30 -6.57 11.12
C HIS E 19 106.86 -6.50 10.67
N SER E 20 106.00 -5.93 11.51
CA SER E 20 104.58 -5.79 11.24
C SER E 20 104.24 -5.30 9.82
N TYR E 21 105.18 -4.63 9.19
CA TYR E 21 104.98 -4.09 7.85
C TYR E 21 105.79 -4.83 6.79
N ALA E 22 106.31 -5.99 7.18
CA ALA E 22 107.08 -6.85 6.28
C ALA E 22 106.20 -7.24 5.10
N ILE E 23 104.90 -7.14 5.30
CA ILE E 23 103.89 -7.47 4.29
C ILE E 23 102.52 -7.11 4.85
N TYR E 24 101.85 -6.14 4.22
CA TYR E 24 100.54 -5.72 4.67
C TYR E 24 99.78 -4.94 3.59
N GLY E 25 98.49 -5.26 3.46
CA GLY E 25 97.65 -4.61 2.47
C GLY E 25 98.21 -4.77 1.06
N CYS E 26 98.22 -3.68 0.30
CA CYS E 26 98.74 -3.69 -1.07
C CYS E 26 99.90 -2.71 -1.26
N TYR E 27 100.51 -2.20 -0.19
CA TYR E 27 101.60 -1.23 -0.37
C TYR E 27 102.82 -1.24 0.55
N CYS E 28 102.61 -1.51 1.84
CA CYS E 28 103.73 -1.48 2.79
C CYS E 28 104.98 -2.27 2.40
N GLY E 29 104.92 -3.60 2.50
CA GLY E 29 106.05 -4.43 2.14
C GLY E 29 106.02 -4.76 0.67
N TRP E 30 106.19 -6.04 0.34
CA TRP E 30 106.18 -6.51 -1.06
C TRP E 30 104.90 -6.24 -1.81
N GLY E 31 104.56 -4.98 -2.06
CA GLY E 31 103.33 -4.71 -2.78
C GLY E 31 103.38 -3.67 -3.88
N GLY E 32 102.36 -2.81 -3.90
CA GLY E 32 102.29 -1.76 -4.88
C GLY E 32 101.24 -2.05 -5.95
N GLN E 33 99.98 -2.04 -5.56
CA GLN E 33 98.93 -2.34 -6.53
C GLN E 33 97.52 -2.24 -5.97
N GLY E 34 96.56 -2.03 -6.87
CA GLY E 34 95.16 -1.94 -6.49
C GLY E 34 94.82 -0.77 -5.59
N LYS E 35 93.78 -0.96 -4.77
CA LYS E 35 93.32 0.05 -3.84
C LYS E 35 93.75 -0.32 -2.41
N PRO E 36 94.09 0.69 -1.60
CA PRO E 36 94.51 0.47 -0.20
C PRO E 36 93.38 -0.02 0.70
N GLN E 37 93.74 -0.88 1.65
CA GLN E 37 92.78 -1.43 2.58
C GLN E 37 92.43 -0.46 3.68
N ASP E 38 93.38 -0.15 4.57
CA ASP E 38 93.10 0.80 5.64
C ASP E 38 94.08 1.98 5.72
N ALA E 39 94.22 2.55 6.92
CA ALA E 39 95.08 3.71 7.13
C ALA E 39 96.57 3.36 7.08
N THR E 40 96.89 2.18 7.59
CA THR E 40 98.26 1.69 7.62
C THR E 40 98.73 1.43 6.18
N ASP E 41 97.78 1.01 5.35
CA ASP E 41 98.07 0.74 3.94
C ASP E 41 98.15 2.07 3.22
N ARG E 42 97.80 3.15 3.92
CA ARG E 42 97.86 4.45 3.32
C ARG E 42 99.21 5.09 3.57
N CYS E 43 99.70 5.02 4.81
CA CYS E 43 101.00 5.59 5.10
C CYS E 43 101.93 5.08 4.01
N CYS E 44 101.79 3.79 3.75
CA CYS E 44 102.61 3.09 2.77
C CYS E 44 102.46 3.50 1.33
N PHE E 45 101.23 3.79 0.88
CA PHE E 45 101.04 4.19 -0.52
C PHE E 45 101.63 5.56 -0.78
N VAL E 46 101.53 6.45 0.20
CA VAL E 46 102.05 7.80 0.11
C VAL E 46 103.59 7.80 0.07
N HIS E 47 104.21 6.92 0.86
CA HIS E 47 105.67 6.83 0.89
C HIS E 47 106.20 6.51 -0.51
N ASP E 48 105.47 5.66 -1.21
CA ASP E 48 105.87 5.28 -2.56
C ASP E 48 105.51 6.38 -3.53
N CYS E 49 104.85 7.40 -3.02
CA CYS E 49 104.49 8.54 -3.84
C CYS E 49 105.52 9.58 -3.49
N CYS E 50 105.84 9.67 -2.20
CA CYS E 50 106.87 10.60 -1.71
C CYS E 50 108.19 10.18 -2.35
N TYR E 51 108.39 8.87 -2.48
CA TYR E 51 109.59 8.27 -3.05
C TYR E 51 109.57 8.39 -4.58
N GLY E 52 108.47 8.91 -5.12
CA GLY E 52 108.36 9.05 -6.55
C GLY E 52 108.78 10.44 -7.01
N THR E 53 108.23 11.44 -6.35
CA THR E 53 108.53 12.84 -6.68
C THR E 53 110.02 13.18 -6.65
N VAL E 54 110.85 12.32 -6.06
CA VAL E 54 112.29 12.57 -5.97
C VAL E 54 112.98 12.64 -7.34
N ASN E 55 113.79 13.68 -7.56
CA ASN E 55 114.51 13.88 -8.82
C ASN E 55 115.69 12.95 -9.01
N ASP E 56 116.78 13.19 -8.29
CA ASP E 56 117.97 12.35 -8.44
C ASP E 56 118.27 11.22 -7.44
N CYS E 57 118.59 11.53 -6.19
CA CYS E 57 118.90 10.45 -5.26
C CYS E 57 117.97 9.26 -5.43
N ASN E 58 118.49 8.08 -5.16
CA ASN E 58 117.74 6.82 -5.27
C ASN E 58 117.25 6.42 -3.89
N PRO E 59 116.05 6.88 -3.49
CA PRO E 59 115.47 6.57 -2.18
C PRO E 59 116.00 5.31 -1.48
N LYS E 60 115.72 4.15 -2.06
CA LYS E 60 116.14 2.88 -1.50
C LYS E 60 117.66 2.74 -1.27
N MET E 61 118.45 3.54 -1.98
CA MET E 61 119.92 3.49 -1.89
C MET E 61 120.59 4.58 -1.05
N ALA E 62 119.98 5.76 -0.99
CA ALA E 62 120.51 6.91 -0.25
C ALA E 62 120.51 6.78 1.28
N THR E 63 121.64 7.12 1.90
CA THR E 63 121.75 7.05 3.36
C THR E 63 121.74 8.45 3.90
N TYR E 64 120.57 8.87 4.36
CA TYR E 64 120.37 10.21 4.87
C TYR E 64 120.90 10.56 6.26
N SER E 65 120.88 11.84 6.54
CA SER E 65 121.34 12.37 7.81
C SER E 65 120.12 12.82 8.61
N TYR E 66 119.99 12.30 9.84
CA TYR E 66 118.87 12.63 10.72
C TYR E 66 119.26 12.41 12.18
N SER E 67 118.45 12.97 13.09
CA SER E 67 118.70 12.83 14.52
C SER E 67 117.38 12.63 15.25
N PHE E 68 117.40 11.95 16.40
CA PHE E 68 116.18 11.70 17.17
C PHE E 68 116.14 12.57 18.41
N GLU E 69 115.89 13.86 18.22
CA GLU E 69 115.81 14.80 19.34
C GLU E 69 114.42 14.77 19.96
N ASN E 70 114.34 14.34 21.22
CA ASN E 70 113.08 14.24 21.93
C ASN E 70 111.93 13.87 20.99
N GLY E 71 111.68 12.58 20.89
CA GLY E 71 110.61 12.09 20.04
C GLY E 71 110.40 12.84 18.74
N ASP E 72 111.40 13.61 18.32
CA ASP E 72 111.31 14.40 17.09
C ASP E 72 112.34 13.95 16.05
N ILE E 73 111.86 13.62 14.85
CA ILE E 73 112.76 13.20 13.78
C ILE E 73 113.26 14.43 13.04
N VAL E 74 114.51 14.80 13.30
CA VAL E 74 115.14 15.93 12.66
C VAL E 74 116.07 15.43 11.56
N CYS E 75 115.92 16.00 10.36
CA CYS E 75 116.73 15.65 9.21
C CYS E 75 117.79 16.73 8.97
N GLY E 76 119.05 16.38 9.25
CA GLY E 76 120.14 17.33 9.11
C GLY E 76 120.77 17.49 7.72
N ASP E 77 120.38 16.68 6.74
CA ASP E 77 120.95 16.78 5.40
C ASP E 77 120.87 18.19 4.85
N ASN E 78 121.94 18.61 4.19
CA ASN E 78 121.99 19.93 3.57
C ASN E 78 121.70 19.68 2.09
N ASN E 79 121.75 18.41 1.70
CA ASN E 79 121.48 18.06 0.32
C ASN E 79 119.99 17.87 0.19
N LEU E 80 119.39 18.71 -0.64
CA LEU E 80 117.97 18.69 -0.92
C LEU E 80 117.43 17.29 -1.18
N CYS E 81 118.03 16.58 -2.12
CA CYS E 81 117.57 15.23 -2.47
C CYS E 81 117.73 14.23 -1.35
N LEU E 82 118.92 14.18 -0.75
CA LEU E 82 119.15 13.23 0.32
C LEU E 82 118.10 13.46 1.39
N LYS E 83 118.03 14.67 1.95
CA LYS E 83 117.04 14.95 2.98
C LYS E 83 115.63 14.65 2.48
N THR E 84 115.35 14.98 1.23
CA THR E 84 114.03 14.72 0.66
C THR E 84 113.58 13.31 1.05
N VAL E 85 114.54 12.39 1.06
CA VAL E 85 114.30 10.99 1.38
C VAL E 85 114.17 10.74 2.87
N CYS E 86 114.47 11.75 3.66
CA CYS E 86 114.37 11.60 5.09
C CYS E 86 112.95 11.91 5.56
N GLU E 87 112.47 13.12 5.28
CA GLU E 87 111.13 13.56 5.68
C GLU E 87 109.99 12.61 5.23
N CYS E 88 110.23 11.82 4.18
CA CYS E 88 109.22 10.86 3.75
C CYS E 88 109.14 9.92 4.95
N ASP E 89 110.20 9.13 5.12
CA ASP E 89 110.35 8.19 6.22
C ASP E 89 109.75 8.79 7.47
N ARG E 90 109.91 10.11 7.61
CA ARG E 90 109.38 10.83 8.76
C ARG E 90 107.87 10.70 8.79
N ALA E 91 107.23 11.28 7.79
CA ALA E 91 105.79 11.23 7.71
C ALA E 91 105.28 9.81 7.92
N ALA E 92 105.98 8.83 7.34
CA ALA E 92 105.60 7.43 7.43
C ALA E 92 105.83 6.83 8.80
N ALA E 93 106.92 7.23 9.44
CA ALA E 93 107.26 6.73 10.76
C ALA E 93 106.37 7.38 11.83
N ILE E 94 105.60 8.38 11.44
CA ILE E 94 104.68 9.06 12.35
C ILE E 94 103.27 8.57 12.02
N CYS E 95 102.95 8.67 10.74
CA CYS E 95 101.67 8.22 10.25
C CYS E 95 101.38 6.82 10.79
N LEU E 96 102.24 5.86 10.43
CA LEU E 96 102.11 4.45 10.83
C LEU E 96 101.85 4.15 12.30
N GLY E 97 102.29 5.04 13.18
CA GLY E 97 102.08 4.83 14.60
C GLY E 97 100.73 5.36 15.01
N GLN E 98 100.36 6.52 14.49
CA GLN E 98 99.08 7.15 14.79
C GLN E 98 97.87 6.31 14.41
N ASN E 99 98.12 5.18 13.74
CA ASN E 99 97.04 4.28 13.30
C ASN E 99 97.26 2.81 13.65
N VAL E 100 98.04 2.52 14.69
CA VAL E 100 98.29 1.11 15.06
C VAL E 100 96.97 0.50 15.51
N ASN E 101 96.03 1.38 15.84
CA ASN E 101 94.71 0.96 16.28
C ASN E 101 93.95 0.18 15.21
N THR E 102 94.01 0.69 13.98
CA THR E 102 93.31 0.10 12.83
C THR E 102 94.10 -1.04 12.20
N TYR E 103 95.28 -1.33 12.75
CA TYR E 103 96.09 -2.40 12.18
C TYR E 103 95.40 -3.72 12.31
N ASP E 104 95.17 -4.39 11.19
CA ASP E 104 94.52 -5.70 11.17
C ASP E 104 95.57 -6.79 10.97
N LYS E 105 95.20 -8.03 11.28
CA LYS E 105 96.11 -9.16 11.20
C LYS E 105 96.29 -9.88 9.86
N ASN E 106 95.28 -10.64 9.43
CA ASN E 106 95.42 -11.39 8.18
C ASN E 106 95.81 -10.50 6.99
N TYR E 107 95.59 -9.19 7.11
CA TYR E 107 95.95 -8.25 6.04
C TYR E 107 97.42 -8.44 5.72
N GLU E 108 98.10 -9.14 6.62
CA GLU E 108 99.50 -9.42 6.45
C GLU E 108 99.70 -10.48 5.39
N ASN E 109 100.84 -10.36 4.70
CA ASN E 109 101.28 -11.23 3.62
C ASN E 109 100.15 -11.79 2.75
N TYR E 110 99.05 -11.04 2.69
CA TYR E 110 97.91 -11.39 1.86
C TYR E 110 98.17 -10.47 0.68
N ALA E 111 98.69 -11.03 -0.41
CA ALA E 111 99.03 -10.20 -1.56
C ALA E 111 98.54 -10.79 -2.87
N ILE E 112 98.06 -12.02 -2.80
CA ILE E 112 97.54 -12.66 -4.00
C ILE E 112 96.38 -11.76 -4.42
N SER E 113 96.18 -11.59 -5.72
CA SER E 113 95.09 -10.75 -6.21
C SER E 113 94.61 -9.77 -5.15
N HIS E 114 93.32 -9.84 -4.81
CA HIS E 114 92.69 -8.99 -3.79
C HIS E 114 92.98 -7.50 -3.96
N CYS E 115 93.96 -7.20 -4.82
CA CYS E 115 94.38 -5.85 -5.15
C CYS E 115 94.34 -5.77 -6.68
N THR E 116 93.42 -6.53 -7.30
CA THR E 116 93.31 -6.57 -8.75
C THR E 116 92.56 -5.36 -9.31
N GLU E 117 92.13 -4.48 -8.41
CA GLU E 117 91.39 -3.28 -8.79
C GLU E 117 92.29 -2.12 -9.21
N GLU E 118 91.69 -1.12 -9.85
CA GLU E 118 92.41 0.06 -10.33
C GLU E 118 93.41 0.62 -9.32
N SER E 119 94.69 0.57 -9.67
CA SER E 119 95.74 1.08 -8.79
C SER E 119 95.61 2.60 -8.69
N GLU E 120 95.22 3.09 -7.52
CA GLU E 120 95.05 4.52 -7.33
C GLU E 120 96.38 5.20 -7.64
N GLN E 121 96.32 6.51 -7.86
CA GLN E 121 97.51 7.28 -8.17
C GLN E 121 97.60 8.42 -7.17
N CYS E 122 98.65 9.22 -7.30
CA CYS E 122 98.86 10.35 -6.41
C CYS E 122 99.41 11.53 -7.21
N ASN F 1 105.48 -3.81 -9.68
CA ASN F 1 105.40 -3.59 -8.23
C ASN F 1 106.25 -4.64 -7.53
N LEU F 2 105.94 -4.96 -6.28
CA LEU F 2 106.70 -5.98 -5.58
C LEU F 2 105.92 -7.30 -5.49
N PHE F 3 104.62 -7.25 -5.76
CA PHE F 3 103.82 -8.46 -5.74
C PHE F 3 104.46 -9.39 -6.77
N GLN F 4 104.80 -8.80 -7.91
CA GLN F 4 105.38 -9.49 -9.05
C GLN F 4 106.83 -9.96 -8.93
N PHE F 5 107.62 -9.31 -8.09
CA PHE F 5 108.99 -9.75 -7.93
C PHE F 5 108.89 -11.04 -7.13
N ALA F 6 108.09 -10.99 -6.06
CA ALA F 6 107.90 -12.15 -5.22
C ALA F 6 107.60 -13.33 -6.12
N ARG F 7 106.74 -13.13 -7.11
CA ARG F 7 106.40 -14.21 -8.03
C ARG F 7 107.52 -14.66 -8.96
N LEU F 8 108.39 -13.76 -9.42
CA LEU F 8 109.48 -14.16 -10.31
C LEU F 8 110.49 -14.96 -9.47
N ILE F 9 110.77 -14.47 -8.27
CA ILE F 9 111.66 -15.20 -7.39
C ILE F 9 111.07 -16.60 -7.29
N ASP F 10 109.85 -16.68 -6.74
CA ASP F 10 109.13 -17.96 -6.58
C ASP F 10 109.06 -18.72 -7.89
N ALA F 11 108.62 -18.08 -8.96
CA ALA F 11 108.53 -18.78 -10.24
C ALA F 11 109.84 -19.50 -10.55
N LYS F 12 110.95 -18.95 -10.04
CA LYS F 12 112.25 -19.55 -10.27
C LYS F 12 112.60 -20.61 -9.22
N GLN F 13 112.01 -20.50 -8.04
CA GLN F 13 112.24 -21.46 -6.95
C GLN F 13 110.93 -22.16 -6.61
N GLU F 14 110.37 -21.83 -5.45
CA GLU F 14 109.10 -22.38 -5.00
C GLU F 14 108.30 -21.35 -4.19
N ALA F 15 107.10 -21.74 -3.79
CA ALA F 15 106.21 -20.86 -3.05
C ALA F 15 106.79 -20.29 -1.74
N PHE F 16 106.61 -18.99 -1.56
CA PHE F 16 107.09 -18.28 -0.37
C PHE F 16 108.63 -18.19 -0.35
N SER F 17 109.28 -18.53 -1.45
CA SER F 17 110.74 -18.47 -1.53
C SER F 17 111.23 -17.04 -1.25
N PHE F 18 110.44 -16.05 -1.63
CA PHE F 18 110.82 -14.66 -1.44
C PHE F 18 110.80 -14.24 0.02
N PHE F 19 110.38 -15.14 0.90
CA PHE F 19 110.31 -14.78 2.31
C PHE F 19 111.66 -14.35 2.82
N LYS F 20 112.54 -15.33 3.03
CA LYS F 20 113.89 -15.12 3.53
C LYS F 20 114.56 -13.83 3.07
N TYR F 21 114.35 -13.46 1.80
CA TYR F 21 114.96 -12.24 1.28
C TYR F 21 114.33 -10.98 1.89
N ILE F 22 113.38 -11.16 2.80
CA ILE F 22 112.76 -10.02 3.44
C ILE F 22 113.87 -9.11 3.96
N SER F 23 114.85 -9.70 4.64
CA SER F 23 115.98 -8.97 5.22
C SER F 23 117.25 -9.83 5.28
N TYR F 24 117.82 -10.17 4.14
CA TYR F 24 119.03 -11.00 4.09
C TYR F 24 120.34 -10.24 3.84
N GLY F 25 121.13 -10.05 4.90
CA GLY F 25 122.41 -9.36 4.77
C GLY F 25 122.37 -7.85 4.84
N CYS F 26 122.51 -7.18 3.69
CA CYS F 26 122.50 -5.72 3.60
C CYS F 26 121.65 -5.13 2.47
N TYR F 27 121.16 -5.96 1.55
CA TYR F 27 120.37 -5.43 0.44
C TYR F 27 119.03 -6.05 0.15
N CYS F 28 118.86 -7.33 0.48
CA CYS F 28 117.57 -7.99 0.24
C CYS F 28 116.51 -7.46 1.19
N GLY F 29 115.40 -6.98 0.64
CA GLY F 29 114.34 -6.44 1.48
C GLY F 29 114.75 -5.13 2.11
N TRP F 30 114.91 -5.11 3.43
CA TRP F 30 115.30 -3.90 4.15
C TRP F 30 116.82 -3.81 4.15
N GLY F 31 117.36 -2.79 3.49
CA GLY F 31 118.80 -2.60 3.44
C GLY F 31 119.24 -1.31 2.75
N GLY F 32 120.24 -1.39 1.87
CA GLY F 32 120.67 -0.19 1.16
C GLY F 32 121.97 0.48 1.56
N GLN F 33 122.78 -0.21 2.36
CA GLN F 33 124.04 0.37 2.75
C GLN F 33 125.06 -0.72 3.00
N GLY F 34 126.33 -0.37 2.79
CA GLY F 34 127.43 -1.30 3.01
C GLY F 34 127.87 -2.07 1.77
N THR F 35 128.54 -3.19 1.99
CA THR F 35 128.99 -4.05 0.90
C THR F 35 128.22 -5.34 0.93
N PRO F 36 127.90 -5.90 -0.26
CA PRO F 36 127.17 -7.17 -0.28
C PRO F 36 127.96 -8.22 0.54
N LYS F 37 127.25 -9.17 1.15
CA LYS F 37 127.90 -10.20 1.96
C LYS F 37 128.27 -11.47 1.20
N ASP F 38 127.30 -12.05 0.49
CA ASP F 38 127.54 -13.25 -0.30
C ASP F 38 126.85 -13.12 -1.66
N ALA F 39 126.80 -14.23 -2.42
CA ALA F 39 126.18 -14.24 -3.74
C ALA F 39 124.75 -13.68 -3.70
N THR F 40 123.89 -14.39 -2.98
CA THR F 40 122.49 -14.03 -2.78
C THR F 40 122.29 -12.52 -2.60
N ASP F 41 122.81 -12.04 -1.48
CA ASP F 41 122.78 -10.63 -1.07
C ASP F 41 123.20 -9.72 -2.22
N ARG F 42 124.14 -10.17 -3.04
CA ARG F 42 124.60 -9.36 -4.15
C ARG F 42 123.55 -9.15 -5.25
N CYS F 43 122.64 -10.10 -5.42
CA CYS F 43 121.62 -9.94 -6.45
C CYS F 43 120.69 -8.81 -6.06
N CYS F 44 120.43 -8.70 -4.76
CA CYS F 44 119.54 -7.67 -4.25
C CYS F 44 120.25 -6.32 -4.25
N PHE F 45 121.48 -6.32 -4.75
CA PHE F 45 122.23 -5.09 -4.84
C PHE F 45 122.18 -4.69 -6.30
N VAL F 46 122.35 -5.70 -7.16
CA VAL F 46 122.30 -5.53 -8.60
C VAL F 46 120.86 -5.16 -8.91
N HIS F 47 119.94 -5.84 -8.24
CA HIS F 47 118.51 -5.60 -8.38
C HIS F 47 118.21 -4.13 -8.10
N ASP F 48 118.64 -3.62 -6.94
CA ASP F 48 118.39 -2.23 -6.61
C ASP F 48 119.10 -1.33 -7.60
N CYS F 49 120.40 -1.57 -7.75
CA CYS F 49 121.20 -0.78 -8.68
C CYS F 49 120.42 -0.57 -9.97
N CYS F 50 119.98 -1.68 -10.56
CA CYS F 50 119.19 -1.67 -11.79
C CYS F 50 118.01 -0.74 -11.57
N TYR F 51 117.24 -1.02 -10.52
CA TYR F 51 116.08 -0.23 -10.15
C TYR F 51 116.40 1.26 -10.08
N ALA F 52 117.64 1.57 -9.72
CA ALA F 52 118.10 2.95 -9.60
C ALA F 52 118.35 3.60 -10.96
N ARG F 53 118.93 2.84 -11.88
CA ARG F 53 119.21 3.37 -13.21
C ARG F 53 117.95 3.61 -14.04
N VAL F 54 116.81 3.08 -13.59
CA VAL F 54 115.55 3.24 -14.29
C VAL F 54 114.90 4.60 -14.04
N LYS F 55 115.02 5.51 -15.00
CA LYS F 55 114.44 6.85 -14.90
C LYS F 55 113.21 6.92 -15.79
N GLY F 56 112.19 7.61 -15.30
CA GLY F 56 110.96 7.74 -16.07
C GLY F 56 109.87 6.74 -15.75
N CYS F 57 109.62 6.52 -14.46
CA CYS F 57 108.59 5.57 -14.02
C CYS F 57 108.95 5.01 -12.63
N ASN F 58 107.97 4.40 -11.96
CA ASN F 58 108.18 3.87 -10.61
C ASN F 58 108.27 2.35 -10.49
N PRO F 59 109.41 1.84 -9.98
CA PRO F 59 109.70 0.41 -9.78
C PRO F 59 108.60 -0.36 -9.07
N LYS F 60 108.49 -0.15 -7.76
CA LYS F 60 107.48 -0.83 -6.95
C LYS F 60 106.03 -0.49 -7.31
N LEU F 61 105.84 0.52 -8.15
CA LEU F 61 104.50 0.93 -8.55
C LEU F 61 104.17 0.63 -10.01
N VAL F 62 105.13 0.07 -10.74
CA VAL F 62 104.91 -0.28 -12.15
C VAL F 62 104.48 -1.74 -12.27
N GLU F 63 103.28 -2.00 -12.77
CA GLU F 63 102.89 -3.38 -12.92
C GLU F 63 103.24 -3.80 -14.33
N TYR F 64 104.38 -4.46 -14.45
CA TYR F 64 104.86 -4.91 -15.74
C TYR F 64 104.08 -6.10 -16.30
N SER F 65 104.59 -6.64 -17.39
CA SER F 65 103.95 -7.76 -18.06
C SER F 65 105.01 -8.71 -18.60
N TYR F 66 104.77 -10.00 -18.44
CA TYR F 66 105.71 -10.98 -18.93
C TYR F 66 105.00 -12.21 -19.46
N SER F 67 105.60 -13.37 -19.21
CA SER F 67 105.08 -14.66 -19.63
C SER F 67 105.97 -15.75 -19.07
N TYR F 68 105.38 -16.91 -18.79
CA TYR F 68 106.09 -18.02 -18.18
C TYR F 68 105.85 -19.28 -19.01
N ARG F 69 106.75 -19.60 -19.92
CA ARG F 69 106.60 -20.80 -20.75
C ARG F 69 107.56 -21.92 -20.35
N THR F 70 107.03 -22.92 -19.65
CA THR F 70 107.79 -24.09 -19.21
C THR F 70 108.94 -23.76 -18.25
N GLY F 71 109.00 -22.53 -17.77
CA GLY F 71 110.06 -22.19 -16.82
C GLY F 71 110.96 -21.02 -17.15
N LYS F 72 110.60 -20.21 -18.14
CA LYS F 72 111.42 -19.05 -18.48
C LYS F 72 110.65 -17.75 -18.58
N ILE F 73 110.91 -16.87 -17.63
CA ILE F 73 110.26 -15.57 -17.60
C ILE F 73 110.51 -14.77 -18.89
N VAL F 74 109.43 -14.38 -19.54
CA VAL F 74 109.51 -13.63 -20.79
C VAL F 74 108.81 -12.28 -20.67
N CYS F 75 109.53 -11.26 -20.23
CA CYS F 75 108.96 -9.92 -20.10
C CYS F 75 108.16 -9.68 -21.37
N GLY F 76 107.13 -8.84 -21.26
CA GLY F 76 106.30 -8.56 -22.42
C GLY F 76 106.17 -7.10 -22.80
N GLY F 77 106.44 -6.21 -21.85
CA GLY F 77 106.34 -4.77 -22.10
C GLY F 77 106.71 -4.34 -23.52
N ASP F 78 106.02 -3.33 -24.05
CA ASP F 78 106.31 -2.84 -25.40
C ASP F 78 106.90 -1.44 -25.31
N ASP F 79 107.22 -1.02 -24.09
CA ASP F 79 107.81 0.29 -23.85
C ASP F 79 109.12 0.10 -23.08
N PRO F 80 109.86 1.18 -22.80
CA PRO F 80 111.12 1.08 -22.07
C PRO F 80 110.84 0.77 -20.61
N CYS F 81 111.48 1.55 -19.73
CA CYS F 81 111.35 1.40 -18.28
C CYS F 81 110.67 0.12 -17.81
N LEU F 82 109.36 0.01 -18.05
CA LEU F 82 108.62 -1.16 -17.61
C LEU F 82 109.34 -2.42 -18.12
N ARG F 83 110.36 -2.18 -18.94
CA ARG F 83 111.20 -3.22 -19.52
C ARG F 83 112.38 -3.25 -18.54
N ALA F 84 112.94 -2.07 -18.33
CA ALA F 84 114.07 -1.86 -17.44
C ALA F 84 113.76 -2.38 -16.04
N VAL F 85 112.48 -2.30 -15.68
CA VAL F 85 112.00 -2.77 -14.39
C VAL F 85 111.83 -4.28 -14.46
N CYS F 86 110.99 -4.74 -15.38
CA CYS F 86 110.76 -6.16 -15.52
C CYS F 86 112.08 -6.88 -15.53
N GLU F 87 113.03 -6.34 -16.27
CA GLU F 87 114.36 -6.93 -16.40
C GLU F 87 115.10 -7.05 -15.07
N CYS F 88 115.01 -6.01 -14.24
CA CYS F 88 115.67 -6.00 -12.95
C CYS F 88 115.23 -7.21 -12.14
N ASP F 89 113.92 -7.38 -12.03
CA ASP F 89 113.31 -8.47 -11.28
C ASP F 89 113.54 -9.86 -11.88
N ARG F 90 113.30 -10.01 -13.17
CA ARG F 90 113.48 -11.28 -13.85
C ARG F 90 114.86 -11.82 -13.51
N VAL F 91 115.89 -11.17 -14.04
CA VAL F 91 117.27 -11.55 -13.77
C VAL F 91 117.54 -11.80 -12.28
N ALA F 92 117.31 -10.80 -11.44
CA ALA F 92 117.54 -10.95 -9.99
C ALA F 92 116.86 -12.20 -9.45
N ALA F 93 115.67 -12.49 -9.98
CA ALA F 93 114.95 -13.69 -9.56
C ALA F 93 115.86 -14.85 -9.97
N ILE F 94 116.43 -14.73 -11.17
CA ILE F 94 117.34 -15.71 -11.71
C ILE F 94 118.63 -15.77 -10.91
N CYS F 95 119.13 -14.62 -10.49
CA CYS F 95 120.35 -14.59 -9.72
C CYS F 95 120.12 -15.21 -8.34
N PHE F 96 118.86 -15.38 -7.97
CA PHE F 96 118.53 -16.00 -6.70
C PHE F 96 118.50 -17.48 -6.96
N ARG F 97 117.54 -17.88 -7.79
CA ARG F 97 117.34 -19.26 -8.19
C ARG F 97 118.66 -19.89 -8.66
N GLU F 98 119.70 -19.07 -8.75
CA GLU F 98 120.98 -19.58 -9.20
C GLU F 98 121.91 -19.77 -8.01
N ASN F 99 121.70 -19.00 -6.96
CA ASN F 99 122.53 -19.09 -5.75
C ASN F 99 121.81 -19.62 -4.51
N MET F 100 120.64 -20.23 -4.68
CA MET F 100 119.86 -20.74 -3.56
C MET F 100 120.66 -21.69 -2.65
N ASN F 101 121.91 -22.00 -3.02
CA ASN F 101 122.72 -22.91 -2.20
C ASN F 101 123.75 -22.19 -1.33
N THR F 102 124.17 -21.00 -1.74
CA THR F 102 125.15 -20.24 -0.98
C THR F 102 124.46 -19.64 0.25
N TYR F 103 123.14 -19.73 0.25
CA TYR F 103 122.30 -19.18 1.31
C TYR F 103 122.68 -19.57 2.73
N ASP F 104 123.54 -18.76 3.36
CA ASP F 104 123.93 -19.02 4.75
C ASP F 104 122.89 -18.42 5.65
N LYS F 105 122.06 -19.29 6.22
CA LYS F 105 120.98 -18.88 7.09
C LYS F 105 121.22 -17.71 8.04
N LYS F 106 122.45 -17.56 8.53
CA LYS F 106 122.73 -16.49 9.48
C LYS F 106 122.62 -15.10 8.89
N TYR F 107 122.71 -14.99 7.58
CA TYR F 107 122.63 -13.68 6.95
C TYR F 107 121.26 -13.06 6.98
N MET F 108 120.22 -13.89 6.92
CA MET F 108 118.87 -13.34 6.95
C MET F 108 118.72 -12.56 8.26
N LEU F 109 118.26 -11.33 8.14
CA LEU F 109 118.04 -10.41 9.26
C LEU F 109 119.33 -9.95 9.96
N TYR F 110 120.37 -9.63 9.17
CA TYR F 110 121.64 -9.17 9.74
C TYR F 110 121.52 -7.88 10.51
N SER F 111 122.65 -7.40 11.03
CA SER F 111 122.71 -6.19 11.82
C SER F 111 123.30 -5.04 11.06
N ILE F 112 122.65 -3.88 11.18
CA ILE F 112 123.10 -2.68 10.54
C ILE F 112 124.58 -2.57 10.84
N PHE F 113 124.95 -2.89 12.08
CA PHE F 113 126.33 -2.82 12.54
C PHE F 113 127.32 -3.47 11.58
N ASP F 114 126.89 -4.58 10.99
CA ASP F 114 127.70 -5.33 10.06
C ASP F 114 127.68 -4.75 8.62
N CYS F 115 126.76 -3.83 8.35
CA CYS F 115 126.68 -3.20 7.03
C CYS F 115 127.21 -1.77 7.12
N LYS F 116 128.41 -1.62 7.68
CA LYS F 116 129.02 -0.29 7.82
C LYS F 116 130.32 -0.21 7.02
N GLU F 117 130.21 -0.51 5.73
CA GLU F 117 131.35 -0.50 4.82
C GLU F 117 131.01 0.32 3.57
N GLU F 118 131.84 1.31 3.25
CA GLU F 118 131.61 2.18 2.09
C GLU F 118 130.66 1.59 1.06
N SER F 119 129.48 2.17 0.95
CA SER F 119 128.50 1.73 -0.03
C SER F 119 129.23 1.32 -1.29
N ASP F 120 128.93 0.15 -1.81
CA ASP F 120 129.59 -0.27 -3.03
C ASP F 120 128.90 0.36 -4.23
N GLN F 121 129.69 1.04 -5.05
CA GLN F 121 129.18 1.71 -6.23
C GLN F 121 128.28 0.78 -7.02
N CYS F 122 127.35 1.35 -7.77
CA CYS F 122 126.40 0.56 -8.57
C CYS F 122 126.80 0.54 -10.03
N ASN G 1 -74.42 -17.70 9.85
CA ASN G 1 -73.10 -18.11 10.31
C ASN G 1 -72.34 -18.81 9.21
N PHE G 2 -71.18 -19.37 9.55
CA PHE G 2 -70.34 -20.04 8.57
C PHE G 2 -70.92 -21.34 8.03
N PHE G 3 -71.99 -21.82 8.66
CA PHE G 3 -72.67 -23.02 8.20
C PHE G 3 -73.43 -22.62 6.93
N GLN G 4 -74.10 -21.47 6.99
CA GLN G 4 -74.88 -20.98 5.86
C GLN G 4 -74.01 -20.45 4.75
N PHE G 5 -73.00 -19.66 5.10
CA PHE G 5 -72.07 -19.12 4.10
C PHE G 5 -71.64 -20.26 3.17
N ALA G 6 -71.34 -21.43 3.74
CA ALA G 6 -70.94 -22.58 2.95
C ALA G 6 -72.10 -23.00 2.04
N GLU G 7 -73.34 -22.90 2.52
CA GLU G 7 -74.49 -23.27 1.71
C GLU G 7 -74.73 -22.22 0.62
N MET G 8 -74.22 -21.02 0.83
CA MET G 8 -74.34 -19.92 -0.11
C MET G 8 -73.33 -20.09 -1.23
N ILE G 9 -72.06 -20.18 -0.84
CA ILE G 9 -70.99 -20.37 -1.81
C ILE G 9 -71.33 -21.62 -2.60
N VAL G 10 -71.43 -22.75 -1.90
CA VAL G 10 -71.74 -24.06 -2.51
C VAL G 10 -72.92 -24.05 -3.49
N LYS G 11 -73.95 -23.25 -3.21
CA LYS G 11 -75.07 -23.23 -4.13
C LYS G 11 -74.67 -22.43 -5.34
N MET G 12 -73.72 -21.53 -5.15
CA MET G 12 -73.21 -20.68 -6.22
C MET G 12 -72.30 -21.51 -7.15
N THR G 13 -70.99 -21.49 -6.94
CA THR G 13 -70.11 -22.26 -7.80
C THR G 13 -70.71 -23.64 -7.98
N GLY G 14 -71.48 -24.08 -6.99
CA GLY G 14 -72.07 -25.40 -7.04
C GLY G 14 -71.02 -26.31 -6.44
N LYS G 15 -69.77 -25.86 -6.61
CA LYS G 15 -68.58 -26.53 -6.12
C LYS G 15 -68.29 -26.12 -4.68
N GLU G 16 -67.71 -27.04 -3.93
CA GLU G 16 -67.39 -26.84 -2.53
C GLU G 16 -66.96 -25.44 -2.10
N ALA G 17 -67.74 -24.89 -1.18
CA ALA G 17 -67.49 -23.57 -0.59
C ALA G 17 -66.43 -23.93 0.42
N VAL G 18 -66.81 -24.93 1.20
CA VAL G 18 -65.94 -25.48 2.20
C VAL G 18 -64.69 -26.03 1.44
N HIS G 19 -63.59 -26.18 2.17
CA HIS G 19 -62.34 -26.68 1.62
C HIS G 19 -61.77 -25.78 0.53
N SER G 20 -62.48 -25.69 -0.60
CA SER G 20 -62.05 -24.85 -1.71
C SER G 20 -61.63 -23.47 -1.19
N TYR G 21 -62.11 -23.14 0.01
CA TYR G 21 -61.79 -21.87 0.63
C TYR G 21 -61.40 -21.99 2.11
N ALA G 22 -61.16 -23.22 2.57
CA ALA G 22 -60.76 -23.44 3.96
C ALA G 22 -59.52 -22.58 4.26
N ILE G 23 -58.76 -22.27 3.20
CA ILE G 23 -57.57 -21.41 3.24
C ILE G 23 -57.01 -21.22 1.82
N TYR G 24 -57.09 -19.99 1.33
CA TYR G 24 -56.65 -19.66 -0.02
C TYR G 24 -56.33 -18.18 -0.09
N GLY G 25 -55.30 -17.81 -0.84
CA GLY G 25 -54.91 -16.42 -0.94
C GLY G 25 -54.34 -16.00 0.41
N CYS G 26 -54.50 -14.73 0.77
CA CYS G 26 -54.00 -14.24 2.07
C CYS G 26 -55.13 -13.90 3.03
N TYR G 27 -56.38 -14.02 2.55
CA TYR G 27 -57.56 -13.70 3.36
C TYR G 27 -58.68 -14.74 3.52
N CYS G 28 -58.92 -15.58 2.51
CA CYS G 28 -60.02 -16.56 2.62
C CYS G 28 -60.02 -17.40 3.89
N GLY G 29 -59.65 -18.67 3.78
CA GLY G 29 -59.66 -19.51 4.97
C GLY G 29 -59.03 -18.85 6.18
N TRP G 30 -57.80 -19.25 6.50
CA TRP G 30 -57.09 -18.69 7.63
C TRP G 30 -56.06 -17.66 7.23
N GLY G 31 -56.49 -16.42 6.98
CA GLY G 31 -55.55 -15.38 6.59
C GLY G 31 -55.64 -14.08 7.37
N GLY G 32 -55.68 -12.96 6.65
CA GLY G 32 -55.78 -11.67 7.31
C GLY G 32 -54.76 -10.61 6.94
N GLN G 33 -53.60 -11.00 6.40
CA GLN G 33 -52.60 -10.00 6.06
C GLN G 33 -52.25 -10.01 4.57
N GLY G 34 -51.09 -9.44 4.23
CA GLY G 34 -50.66 -9.38 2.85
C GLY G 34 -51.60 -8.61 1.93
N LYS G 35 -51.47 -8.84 0.63
CA LYS G 35 -52.30 -8.18 -0.37
C LYS G 35 -52.97 -9.30 -1.16
N PRO G 36 -54.30 -9.30 -1.21
CA PRO G 36 -54.99 -10.36 -1.96
C PRO G 36 -54.34 -10.57 -3.31
N GLN G 37 -53.99 -11.82 -3.62
CA GLN G 37 -53.34 -12.12 -4.88
C GLN G 37 -54.20 -11.72 -6.05
N ASP G 38 -55.25 -12.49 -6.32
CA ASP G 38 -56.15 -12.20 -7.44
C ASP G 38 -57.54 -11.74 -7.01
N ALA G 39 -58.44 -11.70 -7.97
CA ALA G 39 -59.83 -11.28 -7.75
C ALA G 39 -60.69 -12.36 -7.11
N THR G 40 -60.07 -13.47 -6.75
CA THR G 40 -60.79 -14.56 -6.11
C THR G 40 -60.51 -14.47 -4.60
N ASP G 41 -59.34 -13.95 -4.24
CA ASP G 41 -58.99 -13.79 -2.84
C ASP G 41 -59.65 -12.52 -2.35
N ARG G 42 -60.16 -11.73 -3.29
CA ARG G 42 -60.84 -10.48 -3.00
C ARG G 42 -62.32 -10.65 -2.60
N CYS G 43 -62.94 -11.75 -3.03
CA CYS G 43 -64.32 -11.98 -2.65
C CYS G 43 -64.30 -12.22 -1.15
N CYS G 44 -63.16 -12.64 -0.66
CA CYS G 44 -62.99 -12.94 0.74
C CYS G 44 -62.63 -11.69 1.55
N PHE G 45 -61.96 -10.72 0.92
CA PHE G 45 -61.57 -9.47 1.60
C PHE G 45 -62.72 -8.48 1.64
N VAL G 46 -63.46 -8.39 0.56
CA VAL G 46 -64.60 -7.49 0.52
C VAL G 46 -65.64 -8.03 1.51
N HIS G 47 -65.55 -9.34 1.79
CA HIS G 47 -66.45 -10.02 2.70
C HIS G 47 -65.99 -9.95 4.15
N ASP G 48 -64.67 -9.99 4.38
CA ASP G 48 -64.15 -9.90 5.76
C ASP G 48 -64.48 -8.53 6.32
N CYS G 49 -64.13 -7.48 5.58
CA CYS G 49 -64.41 -6.12 5.98
C CYS G 49 -65.91 -5.93 6.22
N CYS G 50 -66.70 -6.66 5.47
CA CYS G 50 -68.14 -6.61 5.59
C CYS G 50 -68.51 -7.05 7.02
N TYR G 51 -67.98 -8.19 7.43
CA TYR G 51 -68.23 -8.71 8.77
C TYR G 51 -67.69 -7.71 9.79
N GLY G 52 -67.03 -6.66 9.30
CA GLY G 52 -66.51 -5.63 10.18
C GLY G 52 -67.49 -4.50 10.42
N THR G 53 -68.33 -4.19 9.43
CA THR G 53 -69.34 -3.13 9.52
C THR G 53 -70.72 -3.61 10.06
N VAL G 54 -70.77 -4.85 10.53
CA VAL G 54 -71.99 -5.46 11.08
C VAL G 54 -71.88 -5.54 12.60
N ASN G 55 -71.82 -4.39 13.25
CA ASN G 55 -71.66 -4.30 14.69
C ASN G 55 -72.90 -4.68 15.49
N ASP G 56 -74.05 -4.75 14.82
CA ASP G 56 -75.30 -5.08 15.49
C ASP G 56 -75.27 -6.46 16.21
N CYS G 57 -74.29 -7.30 15.89
CA CYS G 57 -74.17 -8.64 16.49
C CYS G 57 -72.97 -9.41 15.87
N ASN G 58 -72.79 -10.70 16.19
CA ASN G 58 -71.67 -11.48 15.64
C ASN G 58 -71.98 -12.31 14.39
N PRO G 59 -71.35 -11.96 13.26
CA PRO G 59 -71.48 -12.60 11.95
C PRO G 59 -71.33 -14.11 11.98
N LYS G 60 -70.26 -14.58 12.61
CA LYS G 60 -69.99 -16.01 12.74
C LYS G 60 -70.60 -16.47 14.07
N MET G 61 -71.93 -16.41 14.16
CA MET G 61 -72.66 -16.78 15.36
C MET G 61 -74.16 -16.82 15.10
N ALA G 62 -74.64 -15.78 14.43
CA ALA G 62 -76.06 -15.63 14.10
C ALA G 62 -76.56 -16.60 13.03
N THR G 63 -77.76 -17.14 13.24
CA THR G 63 -78.38 -18.05 12.30
C THR G 63 -79.41 -17.21 11.54
N TYR G 64 -79.09 -16.82 10.31
CA TYR G 64 -79.99 -16.00 9.50
C TYR G 64 -80.88 -16.81 8.59
N SER G 65 -81.77 -16.11 7.87
CA SER G 65 -82.72 -16.74 6.95
C SER G 65 -82.55 -16.29 5.51
N TYR G 66 -82.76 -17.20 4.58
CA TYR G 66 -82.66 -16.88 3.16
C TYR G 66 -83.48 -17.87 2.34
N SER G 67 -82.98 -18.22 1.16
CA SER G 67 -83.63 -19.17 0.28
C SER G 67 -82.96 -19.12 -1.08
N PHE G 68 -83.27 -20.08 -1.93
CA PHE G 68 -82.68 -20.14 -3.26
C PHE G 68 -83.81 -20.18 -4.30
N GLU G 69 -84.58 -19.10 -4.40
CA GLU G 69 -85.67 -19.09 -5.38
C GLU G 69 -85.18 -19.37 -6.79
N ASN G 70 -85.34 -20.62 -7.23
CA ASN G 70 -84.93 -21.08 -8.55
C ASN G 70 -83.53 -20.60 -8.92
N GLY G 71 -82.55 -21.00 -8.15
CA GLY G 71 -81.19 -20.58 -8.44
C GLY G 71 -80.95 -19.12 -8.12
N ASP G 72 -81.42 -18.67 -6.96
CA ASP G 72 -81.24 -17.29 -6.54
C ASP G 72 -81.39 -17.14 -5.03
N ILE G 73 -80.48 -16.38 -4.43
CA ILE G 73 -80.46 -16.13 -2.98
C ILE G 73 -81.49 -15.10 -2.57
N VAL G 74 -82.26 -15.41 -1.52
CA VAL G 74 -83.30 -14.52 -1.05
C VAL G 74 -83.30 -14.40 0.49
N CYS G 75 -82.48 -13.52 1.03
CA CYS G 75 -82.38 -13.33 2.48
C CYS G 75 -83.73 -12.89 3.08
N GLY G 76 -84.57 -13.88 3.41
CA GLY G 76 -85.87 -13.58 3.99
C GLY G 76 -85.77 -13.15 5.44
N ASP G 77 -84.91 -12.16 5.69
CA ASP G 77 -84.72 -11.63 7.02
C ASP G 77 -85.24 -10.21 7.02
N ASN G 78 -85.62 -9.73 8.20
CA ASN G 78 -86.12 -8.37 8.36
C ASN G 78 -85.31 -7.80 9.53
N ASN G 79 -84.59 -8.65 10.25
CA ASN G 79 -83.78 -8.15 11.36
C ASN G 79 -82.66 -7.34 10.70
N LEU G 80 -82.18 -6.29 11.37
CA LEU G 80 -81.13 -5.45 10.80
C LEU G 80 -79.76 -6.12 10.77
N CYS G 81 -79.38 -6.76 11.88
CA CYS G 81 -78.08 -7.40 11.94
C CYS G 81 -78.04 -8.67 11.11
N LEU G 82 -79.02 -9.54 11.35
CA LEU G 82 -79.12 -10.82 10.65
C LEU G 82 -79.07 -10.69 9.14
N LYS G 83 -80.10 -10.08 8.56
CA LYS G 83 -80.16 -9.90 7.11
C LYS G 83 -78.82 -9.47 6.52
N THR G 84 -78.32 -8.35 7.03
CA THR G 84 -77.08 -7.82 6.54
C THR G 84 -75.93 -8.80 6.62
N VAL G 85 -75.93 -9.68 7.62
CA VAL G 85 -74.88 -10.67 7.72
C VAL G 85 -75.14 -11.65 6.59
N CYS G 86 -76.42 -11.75 6.21
CA CYS G 86 -76.86 -12.63 5.13
C CYS G 86 -76.51 -12.02 3.78
N GLU G 87 -76.05 -10.77 3.80
CA GLU G 87 -75.68 -10.12 2.57
C GLU G 87 -74.19 -10.28 2.29
N CYS G 88 -73.37 -10.18 3.32
CA CYS G 88 -71.94 -10.38 3.12
C CYS G 88 -71.81 -11.73 2.42
N ASP G 89 -72.36 -12.76 3.07
CA ASP G 89 -72.36 -14.13 2.54
C ASP G 89 -72.93 -14.20 1.13
N ARG G 90 -74.04 -13.50 0.92
CA ARG G 90 -74.69 -13.46 -0.38
C ARG G 90 -73.75 -12.91 -1.46
N ALA G 91 -73.34 -11.66 -1.33
CA ALA G 91 -72.46 -11.06 -2.31
C ALA G 91 -71.19 -11.91 -2.54
N ALA G 92 -70.57 -12.35 -1.44
CA ALA G 92 -69.35 -13.15 -1.49
C ALA G 92 -69.46 -14.45 -2.28
N ALA G 93 -70.57 -15.15 -2.12
CA ALA G 93 -70.80 -16.42 -2.81
C ALA G 93 -70.82 -16.22 -4.33
N ILE G 94 -71.55 -15.19 -4.75
CA ILE G 94 -71.68 -14.82 -6.16
C ILE G 94 -70.31 -14.47 -6.74
N CYS G 95 -69.64 -13.51 -6.11
CA CYS G 95 -68.31 -13.09 -6.55
C CYS G 95 -67.42 -14.33 -6.73
N LEU G 96 -67.15 -15.05 -5.64
CA LEU G 96 -66.33 -16.25 -5.70
C LEU G 96 -66.76 -17.09 -6.90
N GLY G 97 -68.04 -17.47 -6.91
CA GLY G 97 -68.58 -18.28 -7.98
C GLY G 97 -68.33 -17.73 -9.37
N GLN G 98 -68.18 -16.42 -9.44
CA GLN G 98 -67.93 -15.77 -10.71
C GLN G 98 -66.44 -15.73 -11.08
N ASN G 99 -65.56 -15.72 -10.08
CA ASN G 99 -64.12 -15.65 -10.34
C ASN G 99 -63.34 -16.96 -10.21
N VAL G 100 -63.98 -18.07 -10.56
CA VAL G 100 -63.34 -19.38 -10.50
C VAL G 100 -62.58 -19.62 -11.81
N ASN G 101 -63.11 -19.05 -12.90
CA ASN G 101 -62.50 -19.18 -14.21
C ASN G 101 -61.05 -18.76 -14.06
N THR G 102 -60.84 -17.86 -13.11
CA THR G 102 -59.52 -17.34 -12.79
C THR G 102 -59.07 -17.86 -11.42
N TYR G 103 -59.63 -18.98 -11.00
CA TYR G 103 -59.25 -19.57 -9.72
C TYR G 103 -57.96 -20.37 -9.86
N ASP G 104 -56.89 -19.81 -9.32
CA ASP G 104 -55.57 -20.42 -9.35
C ASP G 104 -55.44 -21.33 -8.14
N LYS G 105 -55.24 -22.61 -8.39
CA LYS G 105 -55.10 -23.58 -7.31
C LYS G 105 -53.83 -23.36 -6.50
N ASN G 106 -52.77 -22.85 -7.13
CA ASN G 106 -51.51 -22.65 -6.43
C ASN G 106 -51.61 -21.85 -5.15
N TYR G 107 -52.48 -20.85 -5.14
CA TYR G 107 -52.66 -20.00 -3.96
C TYR G 107 -53.24 -20.75 -2.76
N GLU G 108 -53.47 -22.04 -2.94
CA GLU G 108 -54.02 -22.88 -1.87
C GLU G 108 -53.00 -23.20 -0.78
N ASN G 109 -53.38 -22.93 0.46
CA ASN G 109 -52.53 -23.17 1.61
C ASN G 109 -51.20 -22.46 1.39
N TYR G 110 -51.28 -21.13 1.49
CA TYR G 110 -50.17 -20.21 1.27
C TYR G 110 -49.68 -19.57 2.59
N ALA G 111 -48.75 -20.22 3.26
CA ALA G 111 -48.21 -19.71 4.53
C ALA G 111 -47.86 -18.23 4.39
N ILE G 112 -47.58 -17.60 5.52
CA ILE G 112 -47.19 -16.20 5.53
C ILE G 112 -45.70 -16.06 5.22
N SER G 113 -45.44 -15.51 4.05
CA SER G 113 -44.09 -15.29 3.52
C SER G 113 -44.49 -14.83 2.14
N HIS G 114 -45.51 -15.50 1.65
CA HIS G 114 -46.11 -15.26 0.35
C HIS G 114 -47.08 -14.08 0.42
N CYS G 115 -47.10 -13.39 1.56
CA CYS G 115 -47.98 -12.23 1.78
C CYS G 115 -47.27 -11.18 2.64
N THR G 116 -45.98 -11.39 2.90
CA THR G 116 -45.21 -10.46 3.73
C THR G 116 -45.35 -8.99 3.36
N GLU G 117 -45.80 -8.74 2.14
CA GLU G 117 -45.98 -7.37 1.68
C GLU G 117 -46.97 -6.65 2.58
N GLU G 118 -47.40 -5.45 2.19
CA GLU G 118 -48.34 -4.70 3.03
C GLU G 118 -49.76 -5.26 3.12
N SER G 119 -50.26 -5.30 4.34
CA SER G 119 -51.61 -5.78 4.61
C SER G 119 -52.54 -4.66 4.15
N GLU G 120 -53.61 -5.00 3.44
CA GLU G 120 -54.56 -4.02 2.94
C GLU G 120 -55.45 -3.45 4.03
N GLN G 121 -56.24 -2.44 3.65
CA GLN G 121 -57.13 -1.79 4.60
C GLN G 121 -58.56 -1.59 4.11
N CYS G 122 -59.52 -1.99 4.94
CA CYS G 122 -60.93 -1.85 4.59
C CYS G 122 -61.17 -0.41 4.16
N ASN H 1 -54.21 -12.38 13.37
CA ASN H 1 -55.10 -12.95 12.37
C ASN H 1 -55.14 -14.48 12.37
N LEU H 2 -55.83 -15.06 11.40
CA LEU H 2 -55.95 -16.51 11.32
C LEU H 2 -54.64 -17.22 10.93
N PHE H 3 -53.77 -16.50 10.23
CA PHE H 3 -52.48 -17.09 9.86
C PHE H 3 -51.70 -17.29 11.14
N GLN H 4 -51.82 -16.31 12.03
CA GLN H 4 -51.13 -16.33 13.31
C GLN H 4 -51.79 -17.30 14.26
N PHE H 5 -53.12 -17.32 14.26
CA PHE H 5 -53.87 -18.20 15.15
C PHE H 5 -53.49 -19.66 14.90
N ALA H 6 -53.37 -20.02 13.63
CA ALA H 6 -53.01 -21.38 13.25
C ALA H 6 -51.59 -21.70 13.71
N ARG H 7 -50.75 -20.67 13.83
CA ARG H 7 -49.37 -20.85 14.27
C ARG H 7 -49.27 -21.00 15.78
N LEU H 8 -50.19 -20.37 16.51
CA LEU H 8 -50.20 -20.51 17.95
C LEU H 8 -50.84 -21.86 18.25
N ILE H 9 -51.79 -22.25 17.40
CA ILE H 9 -52.45 -23.54 17.55
C ILE H 9 -51.35 -24.59 17.44
N ASP H 10 -50.60 -24.51 16.33
CA ASP H 10 -49.51 -25.44 16.10
C ASP H 10 -48.49 -25.27 17.19
N ALA H 11 -47.98 -24.03 17.34
CA ALA H 11 -46.98 -23.72 18.36
C ALA H 11 -47.13 -24.53 19.64
N LYS H 12 -48.36 -24.89 20.01
CA LYS H 12 -48.55 -25.67 21.22
C LYS H 12 -49.01 -27.13 21.01
N GLN H 13 -48.93 -27.60 19.77
CA GLN H 13 -49.30 -28.98 19.45
C GLN H 13 -48.31 -29.60 18.48
N GLU H 14 -47.81 -28.77 17.55
CA GLU H 14 -46.84 -29.15 16.53
C GLU H 14 -47.25 -28.51 15.21
N ALA H 15 -46.38 -28.56 14.20
CA ALA H 15 -46.67 -27.94 12.92
C ALA H 15 -47.83 -28.60 12.17
N PHE H 16 -48.65 -27.76 11.52
CA PHE H 16 -49.79 -28.23 10.74
C PHE H 16 -50.86 -28.90 11.60
N SER H 17 -50.79 -28.72 12.91
CA SER H 17 -51.76 -29.32 13.80
C SER H 17 -53.12 -28.71 13.53
N PHE H 18 -53.14 -27.43 13.15
CA PHE H 18 -54.39 -26.73 12.88
C PHE H 18 -55.19 -27.40 11.78
N PHE H 19 -54.51 -28.16 10.94
CA PHE H 19 -55.10 -28.91 9.83
C PHE H 19 -56.34 -29.75 10.19
N LYS H 20 -56.50 -30.08 11.47
CA LYS H 20 -57.64 -30.92 11.87
C LYS H 20 -58.82 -30.16 12.44
N TYR H 21 -58.63 -28.87 12.67
CA TYR H 21 -59.70 -28.04 13.20
C TYR H 21 -60.21 -27.21 12.03
N ILE H 22 -59.81 -27.62 10.83
CA ILE H 22 -60.22 -26.97 9.59
C ILE H 22 -61.73 -26.77 9.67
N SER H 23 -62.40 -27.78 10.16
CA SER H 23 -63.84 -27.78 10.34
C SER H 23 -64.13 -29.06 11.12
N TYR H 24 -64.35 -28.88 12.41
CA TYR H 24 -64.62 -29.95 13.35
C TYR H 24 -65.78 -29.59 14.27
N GLY H 25 -66.40 -30.59 14.88
CA GLY H 25 -67.52 -30.33 15.76
C GLY H 25 -68.45 -29.31 15.15
N CYS H 26 -69.11 -28.52 15.98
CA CYS H 26 -70.01 -27.50 15.50
C CYS H 26 -69.24 -26.21 15.21
N TYR H 27 -68.72 -25.61 16.27
CA TYR H 27 -67.99 -24.37 16.16
C TYR H 27 -66.61 -24.41 15.51
N CYS H 28 -65.81 -25.43 15.76
CA CYS H 28 -64.47 -25.47 15.15
C CYS H 28 -64.56 -25.50 13.62
N GLY H 29 -64.21 -24.38 12.99
CA GLY H 29 -64.25 -24.33 11.54
C GLY H 29 -65.29 -23.38 10.97
N TRP H 30 -66.24 -23.93 10.22
CA TRP H 30 -67.31 -23.18 9.58
C TRP H 30 -68.67 -23.55 10.18
N GLY H 31 -68.92 -23.16 11.42
CA GLY H 31 -70.18 -23.48 12.07
C GLY H 31 -71.00 -22.25 12.40
N GLY H 32 -71.51 -22.17 13.63
CA GLY H 32 -72.30 -21.01 14.04
C GLY H 32 -73.68 -21.32 14.60
N GLN H 33 -73.86 -22.54 15.09
CA GLN H 33 -75.15 -22.91 15.64
C GLN H 33 -75.07 -24.24 16.37
N GLY H 34 -75.40 -24.23 17.67
CA GLY H 34 -75.40 -25.46 18.43
C GLY H 34 -74.70 -25.50 19.78
N THR H 35 -74.35 -26.72 20.18
CA THR H 35 -73.68 -26.99 21.45
C THR H 35 -72.38 -27.75 21.23
N PRO H 36 -71.27 -27.25 21.81
CA PRO H 36 -69.95 -27.85 21.70
C PRO H 36 -69.92 -29.36 21.87
N LYS H 37 -69.73 -30.05 20.75
CA LYS H 37 -69.69 -31.51 20.70
C LYS H 37 -68.68 -32.20 21.64
N ASP H 38 -67.56 -31.54 21.94
CA ASP H 38 -66.55 -32.14 22.82
C ASP H 38 -65.62 -31.09 23.44
N ALA H 39 -64.56 -31.56 24.09
CA ALA H 39 -63.60 -30.67 24.74
C ALA H 39 -62.96 -29.73 23.74
N THR H 40 -62.73 -30.25 22.53
CA THR H 40 -62.13 -29.47 21.46
C THR H 40 -63.10 -28.42 20.95
N ASP H 41 -64.17 -28.86 20.29
CA ASP H 41 -65.16 -27.93 19.76
C ASP H 41 -65.44 -26.87 20.82
N ARG H 42 -65.37 -27.29 22.09
CA ARG H 42 -65.63 -26.43 23.24
C ARG H 42 -64.62 -25.29 23.37
N CYS H 43 -63.48 -25.46 22.70
CA CYS H 43 -62.43 -24.46 22.72
C CYS H 43 -62.78 -23.42 21.68
N CYS H 44 -63.21 -23.91 20.53
CA CYS H 44 -63.55 -23.05 19.42
C CYS H 44 -64.77 -22.19 19.71
N PHE H 45 -65.85 -22.79 20.22
CA PHE H 45 -67.07 -22.03 20.53
C PHE H 45 -66.80 -20.79 21.38
N VAL H 46 -65.83 -20.92 22.29
CA VAL H 46 -65.42 -19.86 23.19
C VAL H 46 -64.65 -18.75 22.46
N HIS H 47 -63.90 -19.17 21.46
CA HIS H 47 -63.08 -18.30 20.62
C HIS H 47 -63.94 -17.31 19.85
N ASP H 48 -65.09 -17.77 19.35
CA ASP H 48 -66.05 -16.94 18.60
C ASP H 48 -66.64 -15.89 19.50
N CYS H 49 -67.04 -16.30 20.69
CA CYS H 49 -67.59 -15.35 21.65
C CYS H 49 -66.49 -14.33 21.81
N CYS H 50 -65.38 -14.74 22.43
CA CYS H 50 -64.27 -13.82 22.62
C CYS H 50 -64.15 -12.84 21.45
N TYR H 51 -63.75 -13.36 20.29
CA TYR H 51 -63.58 -12.55 19.09
C TYR H 51 -64.65 -11.47 18.94
N ALA H 52 -65.85 -11.75 19.44
CA ALA H 52 -66.95 -10.80 19.35
C ALA H 52 -66.82 -9.72 20.41
N ARG H 53 -66.19 -10.06 21.52
CA ARG H 53 -65.99 -9.13 22.62
C ARG H 53 -65.04 -8.02 22.18
N VAL H 54 -63.86 -8.40 21.70
CA VAL H 54 -62.84 -7.46 21.25
C VAL H 54 -63.44 -6.20 20.59
N LYS H 55 -62.93 -5.02 20.97
CA LYS H 55 -63.43 -3.77 20.41
C LYS H 55 -62.29 -2.83 20.04
N GLY H 56 -62.35 -2.27 18.82
CA GLY H 56 -61.31 -1.36 18.39
C GLY H 56 -60.35 -1.93 17.35
N CYS H 57 -60.57 -3.18 16.95
CA CYS H 57 -59.70 -3.85 15.98
C CYS H 57 -60.41 -5.08 15.42
N ASN H 58 -60.27 -5.34 14.12
CA ASN H 58 -60.94 -6.51 13.55
C ASN H 58 -60.08 -7.75 13.77
N PRO H 59 -60.53 -8.66 14.65
CA PRO H 59 -59.81 -9.89 14.98
C PRO H 59 -59.24 -10.72 13.83
N LYS H 60 -59.98 -10.88 12.73
CA LYS H 60 -59.44 -11.66 11.62
C LYS H 60 -58.52 -10.87 10.71
N LEU H 61 -58.67 -9.55 10.73
CA LEU H 61 -57.86 -8.69 9.87
C LEU H 61 -56.69 -8.01 10.55
N VAL H 62 -56.54 -8.19 11.86
CA VAL H 62 -55.44 -7.56 12.56
C VAL H 62 -54.26 -8.50 12.76
N GLU H 63 -53.05 -7.94 12.81
CA GLU H 63 -51.87 -8.74 13.03
C GLU H 63 -51.27 -8.35 14.36
N TYR H 64 -51.41 -9.24 15.33
CA TYR H 64 -50.87 -9.01 16.64
C TYR H 64 -49.43 -9.52 16.59
N SER H 65 -48.69 -9.35 17.68
CA SER H 65 -47.32 -9.81 17.71
C SER H 65 -47.04 -10.52 19.03
N TYR H 66 -46.85 -11.84 18.97
CA TYR H 66 -46.56 -12.62 20.17
C TYR H 66 -45.07 -12.89 20.20
N SER H 67 -44.69 -14.00 20.81
CA SER H 67 -43.31 -14.42 20.96
C SER H 67 -43.35 -15.70 21.76
N TYR H 68 -43.58 -16.82 21.10
CA TYR H 68 -43.63 -18.09 21.81
C TYR H 68 -42.22 -18.29 22.39
N ARG H 69 -42.11 -18.28 23.73
CA ARG H 69 -40.81 -18.45 24.38
C ARG H 69 -40.74 -19.60 25.38
N THR H 70 -39.66 -20.36 25.29
CA THR H 70 -39.43 -21.48 26.18
C THR H 70 -40.68 -22.22 26.63
N GLY H 71 -41.67 -22.30 25.74
CA GLY H 71 -42.89 -23.00 26.07
C GLY H 71 -44.17 -22.18 26.09
N LYS H 72 -44.09 -20.88 26.33
CA LYS H 72 -45.31 -20.09 26.36
C LYS H 72 -45.39 -18.98 25.34
N ILE H 73 -46.60 -18.48 25.16
CA ILE H 73 -46.88 -17.42 24.20
C ILE H 73 -46.91 -16.06 24.88
N VAL H 74 -45.79 -15.35 24.80
CA VAL H 74 -45.73 -14.04 25.39
C VAL H 74 -46.29 -13.07 24.37
N CYS H 75 -47.55 -12.71 24.55
CA CYS H 75 -48.22 -11.80 23.64
C CYS H 75 -47.87 -10.35 23.92
N GLY H 76 -46.76 -9.88 23.35
CA GLY H 76 -46.35 -8.51 23.54
C GLY H 76 -47.37 -7.63 22.86
N GLY H 77 -47.86 -6.64 23.58
CA GLY H 77 -48.86 -5.76 22.98
C GLY H 77 -49.25 -4.64 23.90
N ASP H 78 -48.98 -3.42 23.45
CA ASP H 78 -49.35 -2.25 24.22
C ASP H 78 -50.84 -2.01 24.04
N ASP H 79 -51.32 -2.04 22.80
CA ASP H 79 -52.75 -1.87 22.60
C ASP H 79 -53.45 -3.09 23.19
N PRO H 80 -54.50 -2.89 23.99
CA PRO H 80 -55.23 -4.01 24.60
C PRO H 80 -55.90 -4.92 23.59
N CYS H 81 -56.40 -4.32 22.51
CA CYS H 81 -57.09 -5.10 21.48
C CYS H 81 -56.20 -6.15 20.81
N LEU H 82 -55.20 -5.73 20.05
CA LEU H 82 -54.34 -6.72 19.40
C LEU H 82 -53.87 -7.74 20.42
N ARG H 83 -53.75 -7.30 21.68
CA ARG H 83 -53.33 -8.15 22.80
C ARG H 83 -54.52 -8.98 23.29
N ALA H 84 -55.71 -8.55 22.92
CA ALA H 84 -56.92 -9.25 23.27
C ALA H 84 -57.10 -10.30 22.19
N VAL H 85 -56.98 -9.86 20.94
CA VAL H 85 -57.07 -10.75 19.80
C VAL H 85 -56.04 -11.84 20.07
N CYS H 86 -54.83 -11.38 20.32
CA CYS H 86 -53.71 -12.28 20.59
C CYS H 86 -53.94 -13.26 21.73
N GLU H 87 -54.36 -12.76 22.89
CA GLU H 87 -54.58 -13.61 24.05
C GLU H 87 -55.77 -14.59 23.96
N CYS H 88 -56.70 -14.33 23.06
CA CYS H 88 -57.85 -15.21 22.91
C CYS H 88 -57.51 -16.47 22.14
N ASP H 89 -56.74 -16.30 21.08
CA ASP H 89 -56.29 -17.41 20.25
C ASP H 89 -55.43 -18.30 21.16
N ARG H 90 -54.53 -17.66 21.91
CA ARG H 90 -53.64 -18.36 22.82
C ARG H 90 -54.39 -19.37 23.69
N VAL H 91 -55.37 -18.90 24.43
CA VAL H 91 -56.11 -19.81 25.29
C VAL H 91 -56.73 -20.90 24.44
N ALA H 92 -57.06 -20.58 23.19
CA ALA H 92 -57.66 -21.56 22.29
C ALA H 92 -56.63 -22.63 22.07
N ALA H 93 -55.49 -22.19 21.54
CA ALA H 93 -54.35 -23.05 21.27
C ALA H 93 -54.01 -23.89 22.50
N ILE H 94 -53.95 -23.22 23.65
CA ILE H 94 -53.66 -23.89 24.92
C ILE H 94 -54.68 -24.99 25.14
N CYS H 95 -55.96 -24.63 25.11
CA CYS H 95 -57.04 -25.58 25.31
C CYS H 95 -56.88 -26.75 24.33
N PHE H 96 -56.78 -26.45 23.04
CA PHE H 96 -56.58 -27.47 22.03
C PHE H 96 -55.55 -28.47 22.52
N ARG H 97 -54.37 -27.98 22.88
CA ARG H 97 -53.27 -28.82 23.43
C ARG H 97 -53.82 -29.68 24.55
N GLU H 98 -54.33 -28.98 25.56
CA GLU H 98 -54.90 -29.60 26.74
C GLU H 98 -55.86 -30.71 26.40
N ASN H 99 -56.49 -30.62 25.23
CA ASN H 99 -57.47 -31.62 24.89
C ASN H 99 -57.19 -32.38 23.60
N MET H 100 -55.99 -32.22 23.05
CA MET H 100 -55.60 -32.89 21.80
C MET H 100 -55.67 -34.41 21.97
N ASN H 101 -56.25 -34.85 23.08
CA ASN H 101 -56.42 -36.27 23.38
C ASN H 101 -57.90 -36.68 23.49
N THR H 102 -58.80 -35.68 23.56
CA THR H 102 -60.23 -35.96 23.64
C THR H 102 -60.73 -35.73 22.21
N TYR H 103 -59.78 -35.70 21.27
CA TYR H 103 -60.10 -35.47 19.87
C TYR H 103 -60.86 -36.65 19.27
N ASP H 104 -62.01 -36.33 18.69
CA ASP H 104 -62.86 -37.36 18.12
C ASP H 104 -62.91 -37.32 16.60
N LYS H 105 -62.27 -38.30 15.99
CA LYS H 105 -62.18 -38.44 14.54
C LYS H 105 -63.55 -38.67 13.89
N LYS H 106 -64.61 -38.26 14.58
CA LYS H 106 -65.97 -38.43 14.08
C LYS H 106 -66.76 -37.13 14.11
N TYR H 107 -66.08 -36.01 14.25
CA TYR H 107 -66.76 -34.71 14.28
C TYR H 107 -66.32 -33.80 13.14
N MET H 108 -65.67 -34.36 12.14
CA MET H 108 -65.18 -33.58 11.01
C MET H 108 -66.22 -33.38 9.92
N LEU H 109 -66.19 -32.21 9.29
CA LEU H 109 -67.13 -31.86 8.23
C LEU H 109 -68.59 -32.08 8.64
N TYR H 110 -69.00 -31.31 9.65
CA TYR H 110 -70.36 -31.36 10.19
C TYR H 110 -71.32 -30.51 9.39
N SER H 111 -72.59 -30.90 9.39
CA SER H 111 -73.64 -30.18 8.67
C SER H 111 -74.57 -29.43 9.61
N ILE H 112 -75.04 -28.28 9.14
CA ILE H 112 -75.95 -27.42 9.88
C ILE H 112 -76.91 -28.29 10.70
N PHE H 113 -77.14 -29.51 10.20
CA PHE H 113 -78.01 -30.52 10.79
C PHE H 113 -77.55 -31.10 12.12
N ASP H 114 -76.35 -31.72 12.13
CA ASP H 114 -75.82 -32.32 13.35
C ASP H 114 -75.43 -31.27 14.39
N CYS H 115 -75.82 -30.03 14.09
CA CYS H 115 -75.56 -28.87 14.95
C CYS H 115 -76.61 -27.82 14.64
N LYS H 116 -77.70 -27.83 15.39
CA LYS H 116 -78.77 -26.87 15.16
C LYS H 116 -79.64 -26.55 16.37
N GLU H 117 -79.82 -27.52 17.26
CA GLU H 117 -80.63 -27.38 18.48
C GLU H 117 -80.79 -25.96 18.97
N GLU H 118 -80.22 -25.67 20.14
CA GLU H 118 -80.31 -24.33 20.69
C GLU H 118 -78.91 -23.76 20.65
N SER H 119 -78.75 -22.70 19.86
CA SER H 119 -77.46 -22.04 19.71
C SER H 119 -76.96 -21.54 21.06
N ASP H 120 -75.94 -22.22 21.61
CA ASP H 120 -75.38 -21.86 22.91
C ASP H 120 -75.32 -20.34 23.09
N GLN H 121 -75.24 -19.90 24.34
CA GLN H 121 -75.16 -18.48 24.63
C GLN H 121 -73.70 -18.11 24.87
N CYS H 122 -73.38 -16.82 24.70
CA CYS H 122 -72.02 -16.31 24.94
C CYS H 122 -72.03 -15.60 26.28
#